data_8HKN
#
_entry.id   8HKN
#
_cell.length_a   41.010
_cell.length_b   85.584
_cell.length_c   95.413
_cell.angle_alpha   90.000
_cell.angle_beta   90.030
_cell.angle_gamma   90.000
#
_symmetry.space_group_name_H-M   'P 1 21 1'
#
loop_
_entity.id
_entity.type
_entity.pdbx_description
1 polymer 'Poly [ADP-ribose] polymerase 2'
2 non-polymer GLYCEROL
3 non-polymer Fluzoparib
4 water water
#
_entity_poly.entity_id   1
_entity_poly.type   'polypeptide(L)'
_entity_poly.pdbx_seq_one_letter_code
;GPESQLDLRVQELIKLICNVQAMEEMMMEMKYNTKKAPLGKLTVAQIKAGYQSLKKIEDCIRAGQHGRALMEACNEFYTR
IPHDFGLRTPPLIRTQKELSEKIQLLEALGDIEIAIKLVKSERQGLEHPLDQHYRNLHCALRPLDHESYEFKVISQYLQS
THAPTHSDYTMTLLDLFEVEKDGEKEAFREDLHNRMLLWHGSRMSNWVGILSHGLRIAPPEAPITGYMFGKGIYFADMSS
KSANYCFASRLKNTGLLLLSEVALGQCNELLEANPKAEGLLQGKHSTKGLGKMAPSSAHFVTLNGSTVPLGPASDTGILN
PDGYTLNYNEYIVYNPNQVRMRYLLKVQFNFLQ
;
_entity_poly.pdbx_strand_id   B,A
#
loop_
_chem_comp.id
_chem_comp.type
_chem_comp.name
_chem_comp.formula
25I non-polymer Fluzoparib 'C22 H16 F4 N6 O2'
GOL non-polymer GLYCEROL 'C3 H8 O3'
#
# COMPACT_ATOMS: atom_id res chain seq x y z
N GLY A 1 21.03 38.64 -17.29
CA GLY A 1 22.40 38.28 -17.74
C GLY A 1 22.86 36.95 -17.15
N PRO A 2 23.08 36.86 -15.82
CA PRO A 2 23.81 35.74 -15.25
C PRO A 2 22.95 34.48 -15.28
N GLU A 3 23.63 33.34 -15.37
CA GLU A 3 22.97 32.05 -15.38
C GLU A 3 22.66 31.66 -13.94
N SER A 4 21.51 31.01 -13.75
CA SER A 4 21.17 30.40 -12.49
C SER A 4 22.38 29.64 -11.95
N GLN A 5 22.53 29.62 -10.61
CA GLN A 5 23.52 28.79 -9.94
C GLN A 5 22.83 27.69 -9.15
N LEU A 6 21.52 27.49 -9.37
CA LEU A 6 20.74 26.53 -8.59
C LEU A 6 20.70 25.17 -9.29
N ASP A 7 20.64 24.07 -8.54
CA ASP A 7 20.33 22.79 -9.17
C ASP A 7 19.02 22.97 -9.94
N LEU A 8 18.88 22.22 -11.03
CA LEU A 8 17.74 22.38 -11.93
C LEU A 8 16.44 22.02 -11.20
N ARG A 9 16.46 20.96 -10.39
CA ARG A 9 15.26 20.51 -9.70
C ARG A 9 14.78 21.60 -8.74
N VAL A 10 15.73 22.35 -8.13
CA VAL A 10 15.38 23.47 -7.27
C VAL A 10 14.87 24.63 -8.14
N GLN A 11 15.46 24.84 -9.31
CA GLN A 11 14.96 25.85 -10.26
C GLN A 11 13.50 25.62 -10.66
N GLU A 12 13.08 24.35 -10.73
CA GLU A 12 11.73 24.01 -11.16
C GLU A 12 10.74 24.19 -10.02
N LEU A 13 11.15 23.75 -8.83
CA LEU A 13 10.45 24.06 -7.59
C LEU A 13 10.20 25.57 -7.42
N ILE A 14 11.26 26.40 -7.41
CA ILE A 14 11.08 27.83 -7.33
C ILE A 14 10.08 28.28 -8.38
N LYS A 15 10.25 27.86 -9.65
CA LYS A 15 9.42 28.36 -10.74
C LYS A 15 7.96 28.04 -10.49
N LEU A 16 7.73 26.89 -9.84
CA LEU A 16 6.40 26.34 -9.63
C LEU A 16 5.71 27.07 -8.48
N ILE A 17 6.40 27.28 -7.35
CA ILE A 17 5.74 27.89 -6.20
C ILE A 17 5.65 29.42 -6.33
N CYS A 18 6.55 30.06 -7.10
CA CYS A 18 6.55 31.52 -7.21
C CYS A 18 5.79 31.96 -8.45
N ASN A 19 4.83 31.14 -8.87
CA ASN A 19 4.08 31.43 -10.06
C ASN A 19 2.86 32.24 -9.65
N VAL A 20 2.97 33.57 -9.78
CA VAL A 20 1.91 34.47 -9.35
C VAL A 20 0.66 34.25 -10.18
N GLN A 21 0.84 33.97 -11.47
CA GLN A 21 -0.28 33.79 -12.37
C GLN A 21 -1.11 32.59 -11.94
N ALA A 22 -0.47 31.51 -11.42
CA ALA A 22 -1.17 30.33 -10.93
C ALA A 22 -1.94 30.61 -9.63
N MET A 23 -1.41 31.47 -8.76
CA MET A 23 -2.12 31.91 -7.57
C MET A 23 -3.39 32.64 -7.97
N GLU A 24 -3.24 33.61 -8.88
CA GLU A 24 -4.34 34.34 -9.51
C GLU A 24 -5.43 33.36 -9.90
N GLU A 25 -5.05 32.26 -10.54
CA GLU A 25 -6.02 31.27 -11.00
C GLU A 25 -6.63 30.45 -9.87
N MET A 26 -5.84 30.18 -8.81
CA MET A 26 -6.35 29.46 -7.65
C MET A 26 -7.32 30.34 -6.87
N MET A 27 -7.05 31.64 -6.72
CA MET A 27 -8.00 32.47 -6.00
C MET A 27 -9.30 32.59 -6.81
N MET A 28 -9.20 32.70 -8.15
CA MET A 28 -10.38 32.84 -9.02
C MET A 28 -11.33 31.66 -8.81
N GLU A 29 -10.78 30.48 -8.47
CA GLU A 29 -11.56 29.27 -8.22
C GLU A 29 -12.21 29.24 -6.83
N MET A 30 -11.76 30.12 -5.92
CA MET A 30 -12.37 30.27 -4.61
C MET A 30 -13.36 31.46 -4.65
N LYS A 31 -13.65 31.93 -5.87
CA LYS A 31 -14.73 32.88 -6.15
C LYS A 31 -14.29 34.27 -5.74
N TYR A 32 -12.98 34.54 -5.80
CA TYR A 32 -12.37 35.79 -5.38
C TYR A 32 -12.18 36.72 -6.60
N ASN A 33 -11.96 38.05 -6.39
CA ASN A 33 -11.77 39.01 -7.47
C ASN A 33 -10.31 39.51 -7.58
N THR A 34 -9.66 39.12 -8.68
CA THR A 34 -8.20 39.25 -8.79
C THR A 34 -7.82 40.61 -9.37
N LYS A 35 -8.77 41.30 -10.04
CA LYS A 35 -8.51 42.61 -10.61
C LYS A 35 -8.96 43.71 -9.64
N LYS A 36 -10.21 43.64 -9.15
CA LYS A 36 -10.69 44.61 -8.18
C LYS A 36 -9.81 44.61 -6.93
N ALA A 37 -9.35 43.43 -6.51
CA ALA A 37 -8.51 43.30 -5.33
C ALA A 37 -7.20 42.62 -5.71
N PRO A 38 -6.28 43.36 -6.38
CA PRO A 38 -5.20 42.71 -7.09
C PRO A 38 -4.21 42.24 -6.04
N LEU A 39 -3.79 40.99 -6.23
CA LEU A 39 -2.92 40.31 -5.29
C LEU A 39 -1.63 41.10 -5.14
N GLY A 40 -1.25 41.81 -6.22
CA GLY A 40 -0.11 42.72 -6.23
C GLY A 40 -0.17 43.84 -5.18
N LYS A 41 -1.41 44.23 -4.80
CA LYS A 41 -1.67 45.24 -3.77
C LYS A 41 -2.51 44.70 -2.62
N LEU A 42 -2.35 43.40 -2.28
CA LEU A 42 -2.85 42.88 -1.02
C LEU A 42 -2.00 43.42 0.13
N THR A 43 -2.63 43.65 1.28
CA THR A 43 -1.93 44.10 2.48
C THR A 43 -2.47 43.30 3.65
N VAL A 44 -1.68 43.27 4.72
CA VAL A 44 -2.01 42.49 5.89
C VAL A 44 -3.34 43.01 6.45
N ALA A 45 -3.53 44.33 6.35
CA ALA A 45 -4.63 45.06 6.98
C ALA A 45 -5.95 44.69 6.32
N GLN A 46 -5.95 44.54 4.99
CA GLN A 46 -7.12 44.06 4.28
C GLN A 46 -7.51 42.67 4.78
N ILE A 47 -6.50 41.82 5.03
CA ILE A 47 -6.72 40.46 5.52
C ILE A 47 -7.14 40.47 6.99
N LYS A 48 -6.49 41.29 7.82
CA LYS A 48 -6.91 41.45 9.20
C LYS A 48 -8.40 41.83 9.24
N ALA A 49 -8.83 42.84 8.48
CA ALA A 49 -10.25 43.21 8.43
C ALA A 49 -11.07 42.00 8.03
N GLY A 50 -10.60 41.25 7.03
CA GLY A 50 -11.19 39.97 6.66
C GLY A 50 -11.54 39.08 7.87
N TYR A 51 -10.53 38.82 8.70
CA TYR A 51 -10.74 37.97 9.85
C TYR A 51 -11.78 38.58 10.77
N GLN A 52 -11.67 39.90 10.98
CA GLN A 52 -12.60 40.63 11.85
C GLN A 52 -14.03 40.37 11.39
N SER A 53 -14.30 40.52 10.07
CA SER A 53 -15.64 40.29 9.56
C SER A 53 -16.10 38.85 9.76
N LEU A 54 -15.20 37.89 9.63
CA LEU A 54 -15.59 36.50 9.84
C LEU A 54 -15.98 36.27 11.30
N LYS A 55 -15.40 37.08 12.20
CA LYS A 55 -15.67 36.96 13.62
C LYS A 55 -17.12 37.42 13.89
N LYS A 56 -17.53 38.57 13.31
CA LYS A 56 -18.91 39.05 13.40
C LYS A 56 -19.89 37.96 12.96
N ILE A 57 -19.54 37.27 11.87
CA ILE A 57 -20.39 36.24 11.29
C ILE A 57 -20.50 35.10 12.32
N GLU A 58 -19.36 34.66 12.85
CA GLU A 58 -19.39 33.60 13.83
C GLU A 58 -20.34 33.97 14.98
N ASP A 59 -20.24 35.23 15.42
CA ASP A 59 -21.12 35.80 16.43
C ASP A 59 -22.61 35.62 16.06
N CYS A 60 -23.01 35.98 14.83
CA CYS A 60 -24.38 35.76 14.40
C CYS A 60 -24.72 34.27 14.47
N ILE A 61 -23.81 33.42 13.98
CA ILE A 61 -24.08 31.99 13.96
C ILE A 61 -24.22 31.49 15.40
N ARG A 62 -23.37 31.98 16.32
CA ARG A 62 -23.47 31.50 17.69
C ARG A 62 -24.78 31.96 18.37
N ALA A 63 -25.32 33.12 17.95
CA ALA A 63 -26.56 33.68 18.47
C ALA A 63 -27.83 33.16 17.75
N GLY A 64 -27.64 32.33 16.70
CA GLY A 64 -28.72 31.93 15.80
C GLY A 64 -29.33 33.09 15.02
N GLN A 65 -28.57 34.16 14.74
CA GLN A 65 -29.07 35.35 14.06
C GLN A 65 -28.90 35.19 12.56
N HIS A 66 -29.73 34.35 11.91
CA HIS A 66 -29.59 34.07 10.49
C HIS A 66 -30.40 35.03 9.62
N GLY A 67 -30.94 36.10 10.21
CA GLY A 67 -31.63 37.12 9.44
C GLY A 67 -30.68 38.25 9.07
N ARG A 68 -31.21 39.47 9.09
CA ARG A 68 -30.52 40.71 8.75
C ARG A 68 -29.12 40.83 9.32
N ALA A 69 -28.95 40.53 10.62
CA ALA A 69 -27.67 40.57 11.28
C ALA A 69 -26.62 39.82 10.44
N LEU A 70 -26.87 38.54 10.15
CA LEU A 70 -25.95 37.69 9.39
C LEU A 70 -25.79 38.23 7.97
N MET A 71 -26.90 38.64 7.34
CA MET A 71 -26.87 39.17 5.98
C MET A 71 -25.86 40.31 5.88
N GLU A 72 -25.84 41.20 6.87
CA GLU A 72 -24.96 42.39 6.83
C GLU A 72 -23.51 42.04 7.19
N ALA A 73 -23.32 41.11 8.10
CA ALA A 73 -21.95 40.66 8.46
C ALA A 73 -21.29 40.00 7.23
N CYS A 74 -22.05 39.19 6.50
CA CYS A 74 -21.51 38.50 5.31
C CYS A 74 -21.21 39.53 4.23
N ASN A 75 -22.01 40.60 4.13
CA ASN A 75 -21.80 41.65 3.11
C ASN A 75 -20.55 42.45 3.43
N GLU A 76 -20.28 42.66 4.71
CA GLU A 76 -19.05 43.38 5.12
C GLU A 76 -17.83 42.53 4.77
N PHE A 77 -17.90 41.21 4.98
CA PHE A 77 -16.78 40.34 4.56
C PHE A 77 -16.63 40.46 3.05
N TYR A 78 -17.73 40.30 2.33
CA TYR A 78 -17.70 40.32 0.85
C TYR A 78 -17.30 41.70 0.34
N THR A 79 -17.30 42.71 1.20
CA THR A 79 -16.87 44.06 0.78
C THR A 79 -15.37 44.21 1.07
N ARG A 80 -14.94 43.76 2.23
CA ARG A 80 -13.51 43.88 2.62
C ARG A 80 -12.71 42.84 1.82
N ILE A 81 -13.32 41.68 1.57
CA ILE A 81 -12.66 40.60 0.77
C ILE A 81 -13.43 40.48 -0.53
N PRO A 82 -13.12 41.34 -1.51
CA PRO A 82 -13.87 41.36 -2.75
C PRO A 82 -14.04 39.99 -3.41
N HIS A 83 -15.28 39.57 -3.60
CA HIS A 83 -15.55 38.32 -4.32
C HIS A 83 -16.15 38.66 -5.70
N ASP A 84 -16.01 37.75 -6.66
CA ASP A 84 -16.63 37.95 -7.99
C ASP A 84 -17.55 36.76 -8.27
N PHE A 85 -18.84 36.93 -7.99
CA PHE A 85 -19.84 35.89 -8.22
C PHE A 85 -20.62 36.15 -9.50
N GLY A 86 -20.16 37.07 -10.37
CA GLY A 86 -20.94 37.54 -11.50
C GLY A 86 -22.41 37.84 -11.16
N LEU A 87 -23.33 36.99 -11.63
CA LEU A 87 -24.77 37.20 -11.54
C LEU A 87 -25.35 36.58 -10.25
N ARG A 88 -24.72 35.50 -9.76
CA ARG A 88 -25.10 34.82 -8.53
C ARG A 88 -25.22 35.85 -7.39
N THR A 89 -26.09 35.53 -6.42
CA THR A 89 -26.42 36.44 -5.33
C THR A 89 -25.66 36.03 -4.06
N PRO A 90 -24.59 36.77 -3.64
CA PRO A 90 -23.59 36.27 -2.68
C PRO A 90 -24.20 35.56 -1.48
N PRO A 91 -23.88 34.27 -1.23
CA PRO A 91 -24.61 33.47 -0.25
C PRO A 91 -24.17 33.68 1.20
N LEU A 92 -25.02 33.24 2.13
CA LEU A 92 -24.73 33.44 3.54
C LEU A 92 -23.75 32.37 4.00
N ILE A 93 -22.81 32.78 4.86
CA ILE A 93 -22.03 31.85 5.66
C ILE A 93 -22.75 31.52 6.97
N ARG A 94 -23.16 30.25 7.16
CA ARG A 94 -23.85 29.79 8.36
C ARG A 94 -23.27 28.48 8.91
N THR A 95 -22.69 27.62 8.08
CA THR A 95 -22.19 26.35 8.60
C THR A 95 -20.70 26.44 8.86
N GLN A 96 -20.21 25.43 9.59
CA GLN A 96 -18.82 25.33 9.98
C GLN A 96 -17.97 25.25 8.72
N LYS A 97 -18.47 24.50 7.73
CA LYS A 97 -17.71 24.21 6.53
C LYS A 97 -17.65 25.44 5.64
N GLU A 98 -18.71 26.24 5.67
CA GLU A 98 -18.77 27.50 4.94
C GLU A 98 -17.77 28.46 5.54
N LEU A 99 -17.73 28.45 6.87
CA LEU A 99 -16.80 29.25 7.67
C LEU A 99 -15.35 28.84 7.40
N SER A 100 -15.08 27.52 7.48
CA SER A 100 -13.78 26.94 7.19
C SER A 100 -13.29 27.33 5.79
N GLU A 101 -14.18 27.30 4.79
CA GLU A 101 -13.86 27.78 3.45
C GLU A 101 -13.20 29.16 3.50
N LYS A 102 -13.74 30.08 4.33
CA LYS A 102 -13.35 31.48 4.27
C LYS A 102 -11.99 31.66 4.92
N ILE A 103 -11.80 30.94 6.02
CA ILE A 103 -10.53 30.86 6.69
C ILE A 103 -9.44 30.34 5.76
N GLN A 104 -9.73 29.31 4.96
CA GLN A 104 -8.73 28.79 4.03
C GLN A 104 -8.41 29.84 2.97
N LEU A 105 -9.46 30.55 2.51
CA LEU A 105 -9.27 31.68 1.63
C LEU A 105 -8.36 32.73 2.24
N LEU A 106 -8.59 33.13 3.49
CA LEU A 106 -7.76 34.22 4.08
C LEU A 106 -6.32 33.73 4.30
N GLU A 107 -6.15 32.44 4.56
CA GLU A 107 -4.79 31.86 4.78
C GLU A 107 -4.03 31.91 3.45
N ALA A 108 -4.71 31.58 2.36
CA ALA A 108 -4.06 31.66 1.07
C ALA A 108 -3.78 33.13 0.71
N LEU A 109 -4.69 34.05 1.01
CA LEU A 109 -4.42 35.47 0.73
C LEU A 109 -3.19 35.91 1.51
N GLY A 110 -3.15 35.52 2.78
CA GLY A 110 -1.98 35.84 3.59
C GLY A 110 -0.66 35.32 3.01
N ASP A 111 -0.67 34.09 2.44
CA ASP A 111 0.56 33.49 1.94
C ASP A 111 0.87 34.04 0.55
N ILE A 112 -0.17 34.41 -0.19
CA ILE A 112 0.00 35.09 -1.46
C ILE A 112 0.59 36.48 -1.24
N GLU A 113 0.17 37.23 -0.22
CA GLU A 113 0.76 38.54 0.02
C GLU A 113 2.24 38.38 0.36
N ILE A 114 2.60 37.31 1.09
CA ILE A 114 4.00 37.06 1.37
C ILE A 114 4.75 36.80 0.05
N ALA A 115 4.17 35.93 -0.81
CA ALA A 115 4.80 35.54 -2.06
C ALA A 115 4.98 36.74 -2.98
N ILE A 116 3.92 37.52 -3.21
CA ILE A 116 3.97 38.73 -4.02
C ILE A 116 5.12 39.62 -3.54
N LYS A 117 5.13 39.97 -2.25
CA LYS A 117 6.20 40.79 -1.68
C LYS A 117 7.55 40.28 -2.15
N LEU A 118 7.84 38.99 -1.91
CA LEU A 118 9.15 38.38 -2.17
C LEU A 118 9.54 38.45 -3.65
N VAL A 119 8.60 38.19 -4.57
CA VAL A 119 8.94 38.10 -5.98
C VAL A 119 9.16 39.51 -6.55
N LYS A 120 8.49 40.51 -5.94
CA LYS A 120 8.69 41.92 -6.29
C LYS A 120 9.94 42.48 -5.62
N SER A 121 10.49 41.74 -4.64
CA SER A 121 11.60 42.21 -3.83
C SER A 121 12.77 42.62 -4.72
N GLU A 122 13.51 43.65 -4.25
CA GLU A 122 14.64 44.31 -4.92
C GLU A 122 14.58 44.20 -6.44
N ARG A 123 14.96 43.02 -6.96
CA ARG A 123 15.21 42.73 -8.37
C ARG A 123 16.65 43.12 -8.73
N GLN A 124 17.60 42.85 -7.80
CA GLN A 124 19.03 42.86 -8.03
C GLN A 124 19.40 41.96 -9.21
N GLY A 125 20.01 42.55 -10.26
CA GLY A 125 20.26 41.87 -11.53
C GLY A 125 21.67 41.31 -11.66
N LEU A 126 22.33 41.03 -10.51
CA LEU A 126 23.60 40.30 -10.42
C LEU A 126 23.36 38.79 -10.48
N GLU A 127 22.21 38.35 -9.97
CA GLU A 127 21.87 36.94 -9.84
C GLU A 127 20.67 36.66 -10.71
N HIS A 128 20.59 35.43 -11.23
CA HIS A 128 19.39 34.97 -11.90
C HIS A 128 18.19 35.30 -10.99
N PRO A 129 17.00 35.62 -11.51
CA PRO A 129 15.81 35.82 -10.66
C PRO A 129 15.39 34.62 -9.81
N LEU A 130 15.47 33.38 -10.34
CA LEU A 130 15.22 32.19 -9.52
C LEU A 130 16.08 32.22 -8.26
N ASP A 131 17.32 32.65 -8.47
CA ASP A 131 18.38 32.60 -7.45
C ASP A 131 18.07 33.57 -6.29
N GLN A 132 17.55 34.75 -6.67
CA GLN A 132 17.10 35.81 -5.78
C GLN A 132 15.94 35.32 -4.91
N HIS A 133 14.90 34.81 -5.57
CA HIS A 133 13.72 34.24 -4.95
C HIS A 133 14.11 33.17 -3.94
N TYR A 134 15.13 32.37 -4.24
CA TYR A 134 15.51 31.25 -3.39
C TYR A 134 16.25 31.74 -2.15
N ARG A 135 17.13 32.74 -2.33
CA ARG A 135 17.80 33.39 -1.22
C ARG A 135 16.76 34.06 -0.31
N ASN A 136 15.79 34.75 -0.92
CA ASN A 136 14.78 35.48 -0.17
C ASN A 136 13.87 34.54 0.64
N LEU A 137 13.87 33.22 0.40
CA LEU A 137 13.07 32.28 1.20
C LEU A 137 13.70 32.11 2.58
N HIS A 138 15.02 32.29 2.68
CA HIS A 138 15.74 32.04 3.91
C HIS A 138 15.37 30.63 4.37
N CYS A 139 15.50 29.68 3.43
CA CYS A 139 15.09 28.31 3.63
C CYS A 139 15.83 27.40 2.66
N ALA A 140 16.73 26.59 3.17
CA ALA A 140 17.51 25.74 2.29
C ALA A 140 16.63 24.63 1.72
N LEU A 141 16.76 24.35 0.42
CA LEU A 141 16.06 23.24 -0.25
C LEU A 141 17.05 22.41 -1.07
N ARG A 142 17.34 21.19 -0.63
CA ARG A 142 18.40 20.36 -1.21
C ARG A 142 17.80 19.17 -1.96
N PRO A 143 17.90 19.11 -3.31
CA PRO A 143 17.34 18.01 -4.09
C PRO A 143 17.99 16.67 -3.74
N LEU A 144 17.23 15.73 -3.18
CA LEU A 144 17.76 14.39 -2.97
C LEU A 144 17.61 13.56 -4.24
N ASP A 145 18.36 12.45 -4.29
CA ASP A 145 18.53 11.69 -5.52
C ASP A 145 17.55 10.52 -5.48
N HIS A 146 17.03 10.11 -6.65
CA HIS A 146 16.02 9.08 -6.75
C HIS A 146 16.51 7.78 -6.10
N GLU A 147 17.82 7.49 -6.26
CA GLU A 147 18.48 6.32 -5.70
C GLU A 147 18.69 6.45 -4.19
N SER A 148 19.02 7.67 -3.73
CA SER A 148 19.17 8.01 -2.32
C SER A 148 18.31 7.13 -1.40
N TYR A 149 18.82 6.85 -0.20
CA TYR A 149 18.14 6.10 0.85
C TYR A 149 16.90 6.84 1.36
N GLU A 150 16.93 8.18 1.36
CA GLU A 150 15.87 8.94 1.99
C GLU A 150 14.60 8.82 1.15
N PHE A 151 14.80 8.89 -0.18
CA PHE A 151 13.74 8.78 -1.18
C PHE A 151 12.99 7.46 -0.99
N LYS A 152 13.74 6.34 -0.99
CA LYS A 152 13.27 5.00 -0.62
C LYS A 152 12.29 5.04 0.56
N VAL A 153 12.67 5.68 1.66
CA VAL A 153 11.91 5.57 2.92
C VAL A 153 10.63 6.42 2.90
N ILE A 154 10.76 7.61 2.29
CA ILE A 154 9.66 8.56 2.24
C ILE A 154 8.62 8.13 1.19
N SER A 155 9.09 7.67 0.01
CA SER A 155 8.27 6.91 -0.91
C SER A 155 7.40 5.90 -0.15
N GLN A 156 8.02 5.10 0.73
CA GLN A 156 7.30 4.03 1.39
C GLN A 156 6.32 4.62 2.41
N TYR A 157 6.68 5.74 3.01
CA TYR A 157 5.84 6.45 3.96
C TYR A 157 4.59 6.98 3.23
N LEU A 158 4.83 7.62 2.09
CA LEU A 158 3.77 8.18 1.27
C LEU A 158 2.77 7.09 0.83
N GLN A 159 3.27 6.03 0.19
CA GLN A 159 2.45 4.94 -0.36
C GLN A 159 1.82 4.09 0.73
N SER A 160 2.55 3.87 1.81
CA SER A 160 2.18 2.95 2.86
C SER A 160 1.07 3.53 3.74
N THR A 161 0.90 4.85 3.70
CA THR A 161 -0.02 5.54 4.59
C THR A 161 -1.10 6.27 3.78
N HIS A 162 -1.16 6.01 2.47
CA HIS A 162 -2.31 6.36 1.68
C HIS A 162 -3.52 5.67 2.27
N ALA A 163 -4.51 6.46 2.71
CA ALA A 163 -5.71 5.93 3.32
C ALA A 163 -6.61 5.24 2.30
N PRO A 164 -7.28 4.12 2.68
CA PRO A 164 -8.13 3.35 1.75
C PRO A 164 -9.47 3.98 1.36
N THR A 165 -9.93 4.98 2.14
CA THR A 165 -11.12 5.77 1.81
C THR A 165 -10.77 7.04 1.02
N HIS A 166 -9.52 7.16 0.54
CA HIS A 166 -9.11 8.19 -0.39
C HIS A 166 -8.66 7.43 -1.65
N SER A 167 -9.63 6.73 -2.23
CA SER A 167 -9.38 5.89 -3.37
C SER A 167 -9.61 6.71 -4.65
N ASP A 168 -9.97 8.00 -4.51
CA ASP A 168 -10.18 8.86 -5.68
C ASP A 168 -8.89 9.14 -6.45
N TYR A 169 -7.70 8.89 -5.83
CA TYR A 169 -6.41 9.11 -6.48
C TYR A 169 -5.35 8.19 -5.90
N THR A 170 -4.27 8.02 -6.67
CA THR A 170 -2.97 7.61 -6.14
C THR A 170 -1.99 8.78 -6.31
N MET A 171 -0.78 8.58 -5.75
CA MET A 171 0.25 9.58 -5.67
C MET A 171 1.55 8.95 -6.16
N THR A 172 2.27 9.71 -7.01
CA THR A 172 3.61 9.38 -7.44
C THR A 172 4.60 10.46 -6.99
N LEU A 173 5.72 10.06 -6.40
CA LEU A 173 6.74 10.99 -5.95
C LEU A 173 7.67 11.32 -7.10
N LEU A 174 7.60 12.57 -7.58
CA LEU A 174 8.45 13.09 -8.65
C LEU A 174 9.82 13.58 -8.14
N ASP A 175 9.84 14.22 -6.97
CA ASP A 175 11.06 14.84 -6.47
C ASP A 175 10.91 14.98 -4.96
N LEU A 176 12.06 15.10 -4.29
CA LEU A 176 12.19 15.14 -2.85
C LEU A 176 13.29 16.14 -2.49
N PHE A 177 12.94 17.12 -1.65
CA PHE A 177 13.89 18.10 -1.17
C PHE A 177 14.05 17.98 0.35
N GLU A 178 15.30 18.20 0.80
CA GLU A 178 15.58 18.40 2.20
C GLU A 178 15.39 19.89 2.47
N VAL A 179 14.61 20.20 3.51
CA VAL A 179 14.32 21.57 3.92
C VAL A 179 15.09 21.91 5.19
N GLU A 180 15.67 23.11 5.22
CA GLU A 180 16.34 23.64 6.40
C GLU A 180 16.06 25.14 6.50
N LYS A 181 14.94 25.43 7.14
CA LYS A 181 14.54 26.82 7.32
C LYS A 181 15.44 27.46 8.37
N ASP A 182 15.93 28.65 8.03
CA ASP A 182 16.83 29.42 8.91
C ASP A 182 16.12 29.66 10.25
N GLY A 183 16.73 29.20 11.36
CA GLY A 183 16.23 29.44 12.70
C GLY A 183 15.40 28.32 13.33
N GLU A 184 14.86 27.40 12.52
CA GLU A 184 13.96 26.38 13.05
C GLU A 184 14.67 25.42 14.01
N LYS A 185 15.87 24.93 13.68
CA LYS A 185 16.53 24.00 14.61
C LYS A 185 16.94 24.69 15.92
N GLU A 186 17.23 26.00 15.85
CA GLU A 186 17.64 26.77 17.02
C GLU A 186 16.44 26.93 17.95
N ALA A 187 15.27 27.09 17.37
CA ALA A 187 14.04 27.32 18.13
C ALA A 187 13.52 26.01 18.71
N PHE A 188 13.90 24.88 18.11
CA PHE A 188 13.11 23.66 18.25
C PHE A 188 13.23 23.07 19.66
N ARG A 189 12.09 22.69 20.24
CA ARG A 189 11.96 22.00 21.50
C ARG A 189 12.52 20.57 21.43
N GLU A 190 13.85 20.45 21.48
CA GLU A 190 14.53 19.16 21.48
C GLU A 190 14.30 18.41 22.80
N ASP A 191 13.87 19.11 23.85
CA ASP A 191 13.62 18.51 25.15
C ASP A 191 12.43 17.55 25.13
N LEU A 192 11.40 17.85 24.33
CA LEU A 192 10.13 17.13 24.39
C LEU A 192 10.24 15.79 23.67
N HIS A 193 9.66 14.75 24.26
CA HIS A 193 9.68 13.40 23.70
C HIS A 193 8.60 13.28 22.62
N ASN A 194 8.55 12.11 21.99
CA ASN A 194 7.38 11.73 21.22
C ASN A 194 7.40 12.59 19.96
N ARG A 195 8.58 12.62 19.36
CA ARG A 195 8.92 13.44 18.21
C ARG A 195 8.70 12.60 16.96
N MET A 196 7.71 13.01 16.15
CA MET A 196 7.24 12.22 15.04
C MET A 196 7.46 13.00 13.75
N LEU A 197 7.66 12.29 12.64
CA LEU A 197 7.76 12.91 11.34
C LEU A 197 6.39 12.79 10.67
N LEU A 198 5.70 13.94 10.52
CA LEU A 198 4.28 13.97 10.17
C LEU A 198 4.03 14.83 8.95
N TRP A 199 2.87 14.61 8.34
CA TRP A 199 2.53 15.25 7.05
C TRP A 199 1.78 16.58 7.20
N HIS A 200 2.03 17.49 6.26
CA HIS A 200 1.22 18.73 6.19
C HIS A 200 0.99 19.06 4.71
N GLY A 201 -0.28 19.11 4.32
CA GLY A 201 -0.63 19.50 2.94
C GLY A 201 -1.25 20.89 2.92
N SER A 202 -0.95 21.65 1.86
CA SER A 202 -1.53 23.00 1.69
C SER A 202 -1.72 23.26 0.20
N ARG A 203 -2.45 24.31 -0.12
CA ARG A 203 -2.65 24.72 -1.53
C ARG A 203 -1.31 25.18 -2.09
N MET A 204 -1.12 25.06 -3.41
CA MET A 204 0.17 25.41 -4.05
C MET A 204 0.48 26.90 -3.91
N SER A 205 -0.50 27.69 -3.45
CA SER A 205 -0.34 29.15 -3.29
C SER A 205 0.29 29.49 -1.95
N ASN A 206 0.53 28.51 -1.09
CA ASN A 206 0.92 28.80 0.31
C ASN A 206 2.37 28.43 0.61
N TRP A 207 3.05 27.74 -0.29
CA TRP A 207 4.40 27.19 -0.01
C TRP A 207 5.48 28.26 0.18
N VAL A 208 5.43 29.33 -0.61
CA VAL A 208 6.40 30.44 -0.43
C VAL A 208 6.24 30.99 0.99
N GLY A 209 5.00 31.29 1.37
CA GLY A 209 4.75 31.73 2.74
C GLY A 209 5.16 30.67 3.77
N ILE A 210 4.81 29.40 3.52
CA ILE A 210 5.12 28.35 4.49
C ILE A 210 6.64 28.18 4.62
N LEU A 211 7.36 28.16 3.49
CA LEU A 211 8.79 27.96 3.51
C LEU A 211 9.50 29.21 4.05
N SER A 212 9.02 30.40 3.69
CA SER A 212 9.67 31.63 4.11
C SER A 212 9.39 31.96 5.56
N HIS A 213 8.12 31.87 6.02
CA HIS A 213 7.75 32.30 7.38
C HIS A 213 7.50 31.13 8.33
N GLY A 214 7.46 29.91 7.81
CA GLY A 214 7.11 28.75 8.62
C GLY A 214 5.60 28.60 8.73
N LEU A 215 5.18 27.45 9.27
CA LEU A 215 3.80 27.25 9.66
C LEU A 215 3.54 28.16 10.86
N ARG A 216 2.48 28.96 10.74
CA ARG A 216 2.13 30.03 11.67
C ARG A 216 0.84 29.71 12.45
N ILE A 217 0.71 30.38 13.61
CA ILE A 217 -0.49 30.35 14.42
C ILE A 217 -1.46 31.39 13.88
N ALA A 218 -2.72 30.93 13.68
CA ALA A 218 -3.83 31.74 13.22
C ALA A 218 -4.00 32.97 14.12
N PRO A 219 -4.38 34.15 13.56
CA PRO A 219 -4.35 35.39 14.31
C PRO A 219 -5.47 35.39 15.35
N PRO A 220 -5.37 36.25 16.38
CA PRO A 220 -6.43 36.36 17.39
C PRO A 220 -7.78 36.82 16.82
N GLU A 221 -7.79 37.62 15.75
CA GLU A 221 -9.03 38.13 15.15
C GLU A 221 -9.87 37.02 14.52
N ALA A 222 -9.26 35.88 14.15
CA ALA A 222 -10.01 34.83 13.46
C ALA A 222 -10.99 34.16 14.43
N PRO A 223 -12.15 33.66 13.96
CA PRO A 223 -13.07 32.95 14.84
C PRO A 223 -12.54 31.59 15.30
N ILE A 224 -12.71 31.27 16.58
CA ILE A 224 -12.16 30.04 17.11
C ILE A 224 -12.85 28.82 16.47
N THR A 225 -14.11 28.96 16.07
CA THR A 225 -14.88 27.80 15.62
C THR A 225 -14.48 27.43 14.18
N GLY A 226 -13.66 28.27 13.55
CA GLY A 226 -12.96 27.90 12.33
C GLY A 226 -12.03 26.70 12.50
N TYR A 227 -11.64 26.40 13.74
CA TYR A 227 -10.58 25.45 14.03
C TYR A 227 -11.11 24.34 14.93
N MET A 228 -11.16 23.12 14.38
CA MET A 228 -11.71 21.95 15.03
C MET A 228 -10.99 21.68 16.37
N PHE A 229 -9.68 21.96 16.49
CA PHE A 229 -8.95 21.77 17.74
C PHE A 229 -8.19 23.04 18.14
N GLY A 230 -8.72 24.21 17.77
CA GLY A 230 -8.10 25.47 18.18
C GLY A 230 -7.01 25.94 17.23
N LYS A 231 -6.39 27.07 17.58
CA LYS A 231 -5.54 27.80 16.66
C LYS A 231 -4.11 27.30 16.79
N GLY A 232 -3.78 26.28 16.01
CA GLY A 232 -2.55 25.52 16.11
C GLY A 232 -2.12 25.07 14.74
N ILE A 233 -1.14 24.18 14.71
CA ILE A 233 -0.57 23.72 13.46
C ILE A 233 -0.89 22.24 13.33
N TYR A 234 -1.47 21.85 12.19
CA TYR A 234 -2.20 20.58 12.12
C TYR A 234 -1.45 19.63 11.22
N PHE A 235 -1.27 18.39 11.68
CA PHE A 235 -0.56 17.36 10.95
C PHE A 235 -1.32 16.04 10.97
N ALA A 236 -1.06 15.19 10.00
CA ALA A 236 -1.60 13.85 9.99
C ALA A 236 -0.47 12.83 9.89
N ASP A 237 -0.74 11.59 10.31
CA ASP A 237 0.17 10.48 10.07
C ASP A 237 -0.19 9.70 8.80
N MET A 238 -1.35 10.05 8.16
CA MET A 238 -1.75 9.44 6.90
C MET A 238 -1.51 10.41 5.74
N SER A 239 -0.70 9.98 4.77
CA SER A 239 -0.26 10.78 3.63
C SER A 239 -1.45 11.43 2.91
N SER A 240 -2.49 10.64 2.64
CA SER A 240 -3.61 11.10 1.83
C SER A 240 -4.44 12.14 2.56
N LYS A 241 -4.53 12.05 3.91
CA LYS A 241 -5.28 13.03 4.69
C LYS A 241 -4.75 14.47 4.58
N SER A 242 -3.41 14.59 4.65
CA SER A 242 -2.72 15.84 4.37
C SER A 242 -2.89 16.20 2.90
N ALA A 243 -2.63 15.22 2.02
CA ALA A 243 -2.59 15.40 0.58
C ALA A 243 -3.91 15.99 0.04
N ASN A 244 -5.01 15.71 0.72
CA ASN A 244 -6.32 16.27 0.32
C ASN A 244 -6.33 17.80 0.51
N TYR A 245 -5.47 18.31 1.38
CA TYR A 245 -5.42 19.77 1.68
C TYR A 245 -4.54 20.49 0.65
N CYS A 246 -3.97 19.75 -0.29
CA CYS A 246 -3.19 20.34 -1.40
C CYS A 246 -4.19 20.85 -2.44
N PHE A 247 -5.41 20.30 -2.41
CA PHE A 247 -6.50 20.74 -3.32
C PHE A 247 -6.03 20.61 -4.77
N ALA A 248 -5.51 19.44 -5.10
CA ALA A 248 -5.06 19.16 -6.47
C ALA A 248 -6.26 18.73 -7.32
N SER A 249 -6.19 18.99 -8.62
CA SER A 249 -7.29 18.65 -9.56
C SER A 249 -6.74 17.77 -10.68
N ARG A 250 -7.62 17.27 -11.52
CA ARG A 250 -7.20 16.44 -12.67
C ARG A 250 -6.38 17.30 -13.63
N LEU A 251 -6.73 18.58 -13.75
CA LEU A 251 -5.99 19.51 -14.65
C LEU A 251 -4.75 20.03 -13.92
N LYS A 252 -4.83 20.14 -12.61
CA LYS A 252 -3.69 20.60 -11.79
C LYS A 252 -3.35 19.44 -10.84
N ASN A 253 -2.75 18.36 -11.38
CA ASN A 253 -2.48 17.13 -10.60
C ASN A 253 -1.06 17.12 -10.01
N THR A 254 -0.46 18.29 -9.85
CA THR A 254 0.87 18.39 -9.23
C THR A 254 0.77 19.22 -7.96
N GLY A 255 1.11 18.63 -6.82
CA GLY A 255 1.09 19.33 -5.54
C GLY A 255 2.33 19.08 -4.70
N LEU A 256 2.37 19.67 -3.52
CA LEU A 256 3.52 19.52 -2.60
C LEU A 256 3.05 19.05 -1.23
N LEU A 257 3.77 18.12 -0.63
CA LEU A 257 3.51 17.69 0.74
C LEU A 257 4.73 18.00 1.57
N LEU A 258 4.50 18.30 2.84
CA LEU A 258 5.60 18.62 3.74
C LEU A 258 5.75 17.52 4.80
N LEU A 259 6.99 17.11 5.11
CA LEU A 259 7.23 16.34 6.31
C LEU A 259 7.97 17.20 7.32
N SER A 260 7.45 17.24 8.53
CA SER A 260 8.05 18.06 9.57
C SER A 260 8.33 17.18 10.78
N GLU A 261 9.40 17.53 11.51
CA GLU A 261 9.59 16.96 12.81
C GLU A 261 8.66 17.72 13.73
N VAL A 262 7.90 16.99 14.54
CA VAL A 262 6.87 17.58 15.36
C VAL A 262 7.11 17.11 16.78
N ALA A 263 7.38 18.07 17.67
CA ALA A 263 7.64 17.77 19.07
C ALA A 263 6.31 17.68 19.78
N LEU A 264 5.67 16.50 19.73
CA LEU A 264 4.34 16.33 20.29
C LEU A 264 4.34 16.40 21.81
N GLY A 265 5.42 15.90 22.43
CA GLY A 265 5.43 15.76 23.88
C GLY A 265 4.31 14.82 24.32
N GLN A 266 3.60 15.25 25.37
CA GLN A 266 2.42 14.56 25.86
C GLN A 266 1.15 15.04 25.15
N CYS A 267 0.56 14.16 24.33
CA CYS A 267 -0.71 14.44 23.67
C CYS A 267 -1.89 14.38 24.62
N ASN A 268 -2.71 15.43 24.61
CA ASN A 268 -4.10 15.38 25.04
C ASN A 268 -4.94 14.75 23.93
N GLU A 269 -5.42 13.53 24.18
CA GLU A 269 -6.18 12.76 23.22
C GLU A 269 -7.66 13.12 23.28
N LEU A 270 -8.25 13.45 22.12
CA LEU A 270 -9.67 13.79 22.04
C LEU A 270 -10.31 12.92 20.95
N LEU A 271 -11.62 12.64 21.11
CA LEU A 271 -12.39 11.83 20.17
C LEU A 271 -13.12 12.74 19.19
N GLU A 272 -13.82 13.74 19.75
CA GLU A 272 -14.56 14.72 18.97
C GLU A 272 -13.86 16.07 18.99
N ALA A 273 -14.22 16.88 17.99
CA ALA A 273 -13.69 18.22 17.82
C ALA A 273 -14.06 19.08 19.02
N ASN A 274 -13.26 20.13 19.20
CA ASN A 274 -13.38 21.05 20.30
C ASN A 274 -12.49 22.26 19.99
N PRO A 275 -13.02 23.35 19.36
CA PRO A 275 -12.24 24.55 19.10
C PRO A 275 -11.48 25.10 20.30
N LYS A 276 -11.86 24.66 21.51
CA LYS A 276 -11.25 25.19 22.72
C LYS A 276 -10.30 24.16 23.33
N ALA A 277 -9.81 23.25 22.48
CA ALA A 277 -8.91 22.18 22.92
C ALA A 277 -7.64 22.71 23.59
N GLU A 278 -7.20 23.93 23.25
CA GLU A 278 -5.94 24.49 23.69
C GLU A 278 -5.98 24.84 25.19
N GLY A 279 -7.10 25.39 25.66
CA GLY A 279 -7.27 25.57 27.10
C GLY A 279 -7.36 24.26 27.91
N LEU A 280 -7.54 23.11 27.25
CA LEU A 280 -7.72 21.85 27.93
C LEU A 280 -6.39 21.10 27.99
N LEU A 281 -5.27 21.76 27.64
CA LEU A 281 -3.96 21.12 27.66
C LEU A 281 -3.49 20.91 29.10
N GLN A 282 -3.45 22.01 29.88
CA GLN A 282 -3.03 21.96 31.28
C GLN A 282 -1.63 21.35 31.43
N GLY A 283 -0.63 21.83 30.69
CA GLY A 283 0.74 21.33 30.82
C GLY A 283 1.17 20.36 29.72
N LYS A 284 0.20 19.62 29.14
CA LYS A 284 0.45 18.83 27.94
C LYS A 284 0.88 19.77 26.79
N HIS A 285 1.39 19.16 25.70
CA HIS A 285 2.14 19.92 24.70
C HIS A 285 1.44 19.90 23.35
N SER A 286 0.45 19.02 23.18
CA SER A 286 -0.17 18.85 21.88
C SER A 286 -1.57 18.27 22.02
N THR A 287 -2.35 18.36 20.95
CA THR A 287 -3.64 17.69 20.87
C THR A 287 -3.54 16.57 19.85
N LYS A 288 -4.08 15.39 20.18
CA LYS A 288 -4.21 14.32 19.21
C LYS A 288 -5.69 14.02 19.05
N GLY A 289 -6.19 14.26 17.83
CA GLY A 289 -7.52 13.81 17.42
C GLY A 289 -7.44 12.39 16.89
N LEU A 290 -8.26 11.51 17.48
CA LEU A 290 -8.12 10.07 17.43
C LEU A 290 -9.01 9.46 16.35
N GLY A 291 -8.41 8.64 15.48
CA GLY A 291 -9.12 8.02 14.38
C GLY A 291 -9.06 6.50 14.39
N LYS A 292 -9.85 5.89 13.48
CA LYS A 292 -10.18 4.48 13.48
C LYS A 292 -9.04 3.66 12.90
N MET A 293 -8.22 4.27 12.03
CA MET A 293 -7.07 3.61 11.44
C MET A 293 -5.85 4.52 11.60
N ALA A 294 -4.70 3.93 11.96
CA ALA A 294 -3.44 4.63 12.04
C ALA A 294 -2.29 3.65 11.85
N PRO A 295 -1.10 4.12 11.37
CA PRO A 295 0.07 3.26 11.23
C PRO A 295 0.28 2.42 12.49
N SER A 296 0.96 1.26 12.31
CA SER A 296 0.97 0.21 13.32
C SER A 296 1.82 0.59 14.54
N SER A 297 3.15 0.63 14.38
CA SER A 297 4.11 0.74 15.49
C SER A 297 5.36 -0.07 15.14
N ALA A 298 5.13 -1.31 14.70
CA ALA A 298 6.19 -2.25 14.38
C ALA A 298 6.95 -1.84 13.12
N HIS A 299 6.35 -1.01 12.25
CA HIS A 299 7.03 -0.57 11.05
C HIS A 299 7.73 0.77 11.29
N PHE A 300 7.45 1.42 12.43
CA PHE A 300 8.00 2.74 12.76
C PHE A 300 9.53 2.70 12.74
N VAL A 301 10.17 3.40 11.78
CA VAL A 301 11.63 3.56 11.78
C VAL A 301 11.98 4.84 12.54
N THR A 302 13.21 5.38 12.36
CA THR A 302 13.57 6.72 12.82
C THR A 302 14.47 7.40 11.78
N LEU A 303 14.49 8.74 11.78
CA LEU A 303 15.14 9.44 10.69
C LEU A 303 15.60 10.84 11.13
N ASN A 304 16.90 10.95 11.41
CA ASN A 304 17.52 12.12 12.04
C ASN A 304 16.89 12.41 13.40
N GLY A 305 16.33 11.39 14.06
CA GLY A 305 15.90 11.50 15.45
C GLY A 305 14.38 11.48 15.62
N SER A 306 13.62 11.40 14.51
CA SER A 306 12.17 11.38 14.56
C SER A 306 11.65 10.02 14.11
N THR A 307 10.59 9.59 14.79
CA THR A 307 9.92 8.30 14.46
C THR A 307 9.01 8.46 13.23
N VAL A 308 9.31 7.75 12.15
CA VAL A 308 8.48 7.79 10.93
C VAL A 308 7.37 6.75 11.08
N PRO A 309 6.11 7.16 11.23
CA PRO A 309 5.01 6.22 11.42
C PRO A 309 4.65 5.52 10.11
N LEU A 310 5.55 4.69 9.61
CA LEU A 310 5.30 3.93 8.36
C LEU A 310 4.14 2.97 8.57
N GLY A 311 3.46 2.60 7.50
CA GLY A 311 2.37 1.65 7.60
C GLY A 311 2.84 0.25 7.21
N PRO A 312 1.92 -0.72 7.05
CA PRO A 312 0.55 -0.44 6.67
C PRO A 312 -0.26 0.04 7.88
N ALA A 313 -1.38 0.69 7.62
CA ALA A 313 -2.23 1.21 8.71
C ALA A 313 -3.04 0.06 9.28
N SER A 314 -3.64 0.29 10.43
CA SER A 314 -4.38 -0.80 11.10
C SER A 314 -5.50 -0.20 11.93
N ASP A 315 -6.52 -1.01 12.20
CA ASP A 315 -7.61 -0.53 13.06
C ASP A 315 -7.04 -0.27 14.44
N THR A 316 -7.40 0.87 15.01
CA THR A 316 -6.93 1.27 16.32
C THR A 316 -7.99 0.89 17.36
N GLY A 317 -9.07 0.27 16.90
CA GLY A 317 -10.19 -0.07 17.76
C GLY A 317 -10.82 1.15 18.43
N ILE A 318 -10.54 2.36 17.94
CA ILE A 318 -11.17 3.57 18.43
C ILE A 318 -12.57 3.70 17.81
N LEU A 319 -13.52 4.22 18.60
CA LEU A 319 -14.88 4.52 18.12
C LEU A 319 -15.53 5.52 19.09
N ASN A 320 -16.21 6.54 18.54
CA ASN A 320 -16.95 7.50 19.35
C ASN A 320 -18.43 7.10 19.45
N PRO A 321 -18.92 6.64 20.64
CA PRO A 321 -20.34 6.36 20.84
C PRO A 321 -21.31 7.49 20.51
N ASP A 322 -21.07 8.69 21.05
CA ASP A 322 -22.05 9.77 20.96
C ASP A 322 -21.49 10.87 20.06
N GLY A 323 -21.38 10.58 18.75
CA GLY A 323 -21.08 11.60 17.76
C GLY A 323 -20.13 11.09 16.69
N TYR A 324 -19.47 12.04 16.00
CA TYR A 324 -18.60 11.70 14.89
C TYR A 324 -17.28 11.11 15.39
N THR A 325 -16.77 10.12 14.63
CA THR A 325 -15.46 9.53 14.84
C THR A 325 -14.54 9.80 13.64
N LEU A 326 -13.43 10.52 13.89
CA LEU A 326 -12.46 10.81 12.85
C LEU A 326 -12.05 9.48 12.21
N ASN A 327 -11.89 9.47 10.88
CA ASN A 327 -11.38 8.30 10.20
C ASN A 327 -9.91 8.09 10.53
N TYR A 328 -9.14 9.20 10.55
CA TYR A 328 -7.70 9.15 10.71
C TYR A 328 -7.26 10.13 11.78
N ASN A 329 -6.07 9.88 12.33
CA ASN A 329 -5.52 10.74 13.36
C ASN A 329 -5.25 12.14 12.81
N GLU A 330 -5.00 13.06 13.75
CA GLU A 330 -4.86 14.48 13.53
C GLU A 330 -4.08 15.04 14.71
N TYR A 331 -2.95 15.71 14.46
CA TYR A 331 -2.11 16.22 15.54
C TYR A 331 -1.94 17.73 15.44
N ILE A 332 -2.12 18.43 16.57
CA ILE A 332 -2.10 19.89 16.63
C ILE A 332 -1.08 20.34 17.68
N VAL A 333 -0.20 21.28 17.29
CA VAL A 333 0.71 21.92 18.25
C VAL A 333 0.42 23.42 18.21
N TYR A 334 0.70 24.10 19.32
CA TYR A 334 0.19 25.45 19.49
C TYR A 334 1.34 26.44 19.55
N ASN A 335 2.51 26.00 19.07
CA ASN A 335 3.72 26.80 19.02
C ASN A 335 4.55 26.29 17.86
N PRO A 336 5.01 27.19 16.94
CA PRO A 336 5.98 26.84 15.88
C PRO A 336 7.27 26.18 16.35
N ASN A 337 7.65 26.38 17.61
CA ASN A 337 8.89 25.82 18.11
C ASN A 337 8.72 24.32 18.39
N GLN A 338 7.58 23.75 17.98
CA GLN A 338 7.38 22.33 18.14
C GLN A 338 7.40 21.72 16.75
N VAL A 339 7.78 22.52 15.76
CA VAL A 339 7.83 22.08 14.37
C VAL A 339 9.21 22.40 13.81
N ARG A 340 9.80 21.38 13.16
CA ARG A 340 10.98 21.55 12.34
C ARG A 340 10.74 20.93 10.97
N MET A 341 10.64 21.78 9.95
CA MET A 341 10.41 21.31 8.58
C MET A 341 11.62 20.51 8.11
N ARG A 342 11.38 19.40 7.40
CA ARG A 342 12.43 18.42 7.07
C ARG A 342 12.46 18.09 5.58
N TYR A 343 11.31 17.70 4.99
CA TYR A 343 11.29 17.40 3.57
C TYR A 343 10.09 18.04 2.91
N LEU A 344 10.26 18.21 1.60
CA LEU A 344 9.25 18.71 0.71
C LEU A 344 9.15 17.71 -0.46
N LEU A 345 7.96 17.11 -0.61
CA LEU A 345 7.70 16.15 -1.68
C LEU A 345 7.01 16.86 -2.84
N LYS A 346 7.54 16.71 -4.05
CA LYS A 346 6.78 17.03 -5.26
C LYS A 346 6.00 15.81 -5.75
N VAL A 347 4.67 15.92 -5.82
CA VAL A 347 3.78 14.76 -5.87
C VAL A 347 2.85 14.88 -7.08
N GLN A 348 2.77 13.82 -7.87
CA GLN A 348 1.79 13.77 -8.93
C GLN A 348 0.58 13.03 -8.40
N PHE A 349 -0.61 13.63 -8.57
CA PHE A 349 -1.86 12.96 -8.30
C PHE A 349 -2.41 12.31 -9.56
N ASN A 350 -2.62 10.99 -9.48
CA ASN A 350 -3.18 10.22 -10.58
C ASN A 350 -4.64 9.88 -10.27
N PHE A 351 -5.59 10.70 -10.76
CA PHE A 351 -7.01 10.55 -10.44
C PHE A 351 -7.61 9.36 -11.19
N LEU A 352 -8.50 8.62 -10.51
CA LEU A 352 -9.10 7.42 -11.09
C LEU A 352 -10.01 7.80 -12.26
N GLN A 353 -11.08 8.55 -11.95
CA GLN A 353 -11.84 9.29 -12.96
C GLN A 353 -12.93 10.11 -12.23
N GLY B 1 -15.51 9.01 -2.48
CA GLY B 1 -15.30 8.55 -3.87
C GLY B 1 -15.61 7.06 -3.98
N PRO B 2 -14.72 6.24 -4.61
CA PRO B 2 -15.05 4.83 -4.89
C PRO B 2 -15.33 4.01 -3.65
N GLU B 3 -16.39 3.18 -3.68
CA GLU B 3 -16.79 2.41 -2.50
C GLU B 3 -17.23 1.00 -2.92
N SER B 4 -16.65 0.00 -2.25
CA SER B 4 -16.82 -1.41 -2.62
C SER B 4 -18.17 -1.96 -2.15
N GLN B 5 -18.83 -2.68 -3.05
CA GLN B 5 -20.09 -3.37 -2.77
C GLN B 5 -19.86 -4.82 -2.35
N LEU B 6 -18.59 -5.24 -2.11
CA LEU B 6 -18.31 -6.62 -1.76
C LEU B 6 -18.47 -6.82 -0.26
N ASP B 7 -18.82 -8.03 0.13
CA ASP B 7 -18.66 -8.46 1.52
C ASP B 7 -17.27 -8.09 2.02
N LEU B 8 -17.17 -7.58 3.25
CA LEU B 8 -15.92 -7.05 3.80
C LEU B 8 -14.76 -8.05 3.76
N ARG B 9 -15.07 -9.31 4.02
CA ARG B 9 -14.07 -10.38 4.00
C ARG B 9 -13.49 -10.57 2.59
N VAL B 10 -14.36 -10.67 1.58
CA VAL B 10 -13.91 -10.71 0.20
C VAL B 10 -13.00 -9.51 -0.04
N GLN B 11 -13.43 -8.33 0.39
CA GLN B 11 -12.68 -7.10 0.17
C GLN B 11 -11.25 -7.21 0.66
N GLU B 12 -11.09 -7.83 1.83
CA GLU B 12 -9.81 -7.98 2.48
C GLU B 12 -8.93 -8.99 1.74
N LEU B 13 -9.56 -10.09 1.31
CA LEU B 13 -8.88 -11.08 0.52
C LEU B 13 -8.29 -10.45 -0.74
N ILE B 14 -9.12 -9.66 -1.45
CA ILE B 14 -8.71 -9.03 -2.71
C ILE B 14 -7.56 -8.06 -2.43
N LYS B 15 -7.67 -7.27 -1.35
CA LYS B 15 -6.63 -6.27 -1.11
C LYS B 15 -5.29 -6.96 -0.82
N LEU B 16 -5.32 -8.12 -0.14
CA LEU B 16 -4.13 -8.93 0.11
C LEU B 16 -3.48 -9.43 -1.19
N ILE B 17 -4.25 -10.12 -2.03
CA ILE B 17 -3.67 -10.87 -3.16
C ILE B 17 -3.31 -9.92 -4.29
N CYS B 18 -3.91 -8.72 -4.30
CA CYS B 18 -3.69 -7.75 -5.37
C CYS B 18 -2.62 -6.74 -4.97
N ASN B 19 -1.97 -6.94 -3.82
CA ASN B 19 -1.03 -5.96 -3.30
C ASN B 19 0.31 -6.12 -4.03
N VAL B 20 0.54 -5.26 -5.03
CA VAL B 20 1.71 -5.31 -5.89
C VAL B 20 2.99 -4.96 -5.13
N GLN B 21 2.89 -4.11 -4.10
CA GLN B 21 4.06 -3.75 -3.32
C GLN B 21 4.54 -4.97 -2.51
N ALA B 22 3.63 -5.82 -2.05
CA ALA B 22 4.00 -7.05 -1.36
C ALA B 22 4.71 -8.04 -2.30
N MET B 23 4.27 -8.04 -3.57
CA MET B 23 4.88 -8.87 -4.61
C MET B 23 6.30 -8.39 -4.93
N GLU B 24 6.53 -7.06 -4.99
CA GLU B 24 7.87 -6.49 -5.14
C GLU B 24 8.78 -6.94 -4.01
N GLU B 25 8.31 -6.78 -2.77
CA GLU B 25 9.11 -7.18 -1.61
C GLU B 25 9.38 -8.67 -1.67
N MET B 26 8.43 -9.48 -2.17
CA MET B 26 8.56 -10.93 -2.23
C MET B 26 9.64 -11.30 -3.22
N MET B 27 9.67 -10.61 -4.37
CA MET B 27 10.65 -10.92 -5.38
C MET B 27 12.05 -10.42 -4.99
N MET B 28 12.15 -9.33 -4.22
CA MET B 28 13.46 -8.82 -3.79
C MET B 28 14.12 -9.78 -2.81
N GLU B 29 13.31 -10.51 -2.02
CA GLU B 29 13.77 -11.49 -1.05
C GLU B 29 14.24 -12.76 -1.75
N MET B 30 13.76 -12.95 -2.98
CA MET B 30 14.24 -14.02 -3.82
C MET B 30 15.47 -13.57 -4.61
N LYS B 31 15.98 -12.36 -4.32
CA LYS B 31 17.16 -11.79 -4.95
C LYS B 31 16.83 -11.31 -6.36
N TYR B 32 15.55 -11.28 -6.71
CA TYR B 32 15.19 -10.75 -8.01
C TYR B 32 15.48 -9.26 -7.97
N ASN B 33 16.10 -8.73 -9.02
CA ASN B 33 16.41 -7.31 -9.07
C ASN B 33 15.25 -6.53 -9.69
N THR B 34 14.38 -5.95 -8.83
CA THR B 34 13.16 -5.27 -9.27
C THR B 34 13.47 -3.87 -9.78
N LYS B 35 14.66 -3.34 -9.42
CA LYS B 35 15.13 -2.06 -9.94
C LYS B 35 15.49 -2.23 -11.41
N LYS B 36 16.39 -3.18 -11.73
CA LYS B 36 16.84 -3.43 -13.10
C LYS B 36 15.70 -3.97 -13.96
N ALA B 37 14.92 -4.90 -13.41
CA ALA B 37 13.83 -5.52 -14.13
C ALA B 37 12.52 -5.30 -13.37
N PRO B 38 11.88 -4.11 -13.52
CA PRO B 38 10.56 -3.81 -12.93
C PRO B 38 9.45 -4.80 -13.29
N LEU B 39 8.58 -5.08 -12.31
CA LEU B 39 7.52 -6.06 -12.46
C LEU B 39 6.50 -5.57 -13.47
N GLY B 40 6.41 -4.23 -13.54
CA GLY B 40 5.53 -3.53 -14.46
C GLY B 40 5.76 -3.92 -15.92
N LYS B 41 6.93 -4.47 -16.23
CA LYS B 41 7.22 -4.82 -17.60
C LYS B 41 7.76 -6.25 -17.71
N LEU B 42 7.34 -7.13 -16.79
CA LEU B 42 7.39 -8.57 -16.99
C LEU B 42 6.56 -8.93 -18.23
N THR B 43 7.08 -9.88 -19.04
CA THR B 43 6.35 -10.43 -20.18
C THR B 43 6.43 -11.96 -20.13
N VAL B 44 5.38 -12.63 -20.60
CA VAL B 44 5.38 -14.08 -20.75
C VAL B 44 6.62 -14.52 -21.53
N ALA B 45 7.08 -13.67 -22.46
CA ALA B 45 8.23 -13.93 -23.31
C ALA B 45 9.52 -13.90 -22.49
N GLN B 46 9.66 -12.89 -21.62
CA GLN B 46 10.84 -12.76 -20.79
C GLN B 46 10.97 -14.03 -19.93
N ILE B 47 9.82 -14.53 -19.45
CA ILE B 47 9.73 -15.64 -18.50
C ILE B 47 9.94 -16.95 -19.25
N LYS B 48 9.20 -17.17 -20.33
CA LYS B 48 9.50 -18.27 -21.23
C LYS B 48 11.01 -18.33 -21.46
N ALA B 49 11.62 -17.19 -21.77
CA ALA B 49 13.05 -17.16 -22.07
C ALA B 49 13.89 -17.61 -20.87
N GLY B 50 13.45 -17.28 -19.65
CA GLY B 50 14.15 -17.71 -18.44
C GLY B 50 14.09 -19.22 -18.23
N TYR B 51 12.91 -19.80 -18.52
CA TYR B 51 12.70 -21.24 -18.53
C TYR B 51 13.73 -21.89 -19.44
N GLN B 52 13.83 -21.38 -20.68
CA GLN B 52 14.72 -21.91 -21.71
C GLN B 52 16.19 -21.85 -21.31
N SER B 53 16.62 -20.80 -20.61
CA SER B 53 17.98 -20.76 -20.08
C SER B 53 18.19 -21.84 -19.01
N LEU B 54 17.18 -22.15 -18.20
CA LEU B 54 17.33 -23.14 -17.14
C LEU B 54 17.43 -24.52 -17.75
N LYS B 55 16.64 -24.75 -18.81
CA LYS B 55 16.74 -26.00 -19.54
C LYS B 55 18.14 -26.17 -20.12
N LYS B 56 18.77 -25.07 -20.57
CA LYS B 56 20.10 -25.13 -21.15
C LYS B 56 21.13 -25.47 -20.07
N ILE B 57 21.04 -24.82 -18.90
CA ILE B 57 21.84 -25.19 -17.73
C ILE B 57 21.65 -26.68 -17.37
N GLU B 58 20.39 -27.14 -17.35
CA GLU B 58 20.11 -28.54 -17.13
C GLU B 58 20.87 -29.40 -18.16
N ASP B 59 20.94 -28.95 -19.42
CA ASP B 59 21.62 -29.70 -20.46
C ASP B 59 23.12 -29.73 -20.19
N CYS B 60 23.70 -28.63 -19.69
CA CYS B 60 25.11 -28.60 -19.34
C CYS B 60 25.42 -29.57 -18.21
N ILE B 61 24.55 -29.55 -17.19
CA ILE B 61 24.70 -30.36 -16.00
C ILE B 61 24.61 -31.85 -16.34
N ARG B 62 23.65 -32.24 -17.19
CA ARG B 62 23.53 -33.62 -17.60
C ARG B 62 24.76 -34.03 -18.40
N ALA B 63 25.35 -33.06 -19.12
CA ALA B 63 26.42 -33.31 -20.06
C ALA B 63 27.79 -33.34 -19.37
N GLY B 64 27.81 -33.05 -18.05
CA GLY B 64 29.01 -32.99 -17.24
C GLY B 64 29.81 -31.71 -17.47
N GLN B 65 29.17 -30.67 -18.05
CA GLN B 65 29.81 -29.41 -18.41
C GLN B 65 29.73 -28.43 -17.23
N HIS B 66 30.77 -28.41 -16.39
CA HIS B 66 30.78 -27.55 -15.22
C HIS B 66 31.70 -26.36 -15.45
N GLY B 67 32.18 -26.17 -16.68
CA GLY B 67 33.09 -25.07 -16.95
C GLY B 67 32.46 -23.98 -17.80
N ARG B 68 33.15 -23.63 -18.89
CA ARG B 68 32.82 -22.51 -19.76
C ARG B 68 31.34 -22.53 -20.18
N ALA B 69 30.82 -23.69 -20.63
CA ALA B 69 29.46 -23.79 -21.15
C ALA B 69 28.40 -23.41 -20.10
N LEU B 70 28.64 -23.81 -18.84
CA LEU B 70 27.67 -23.61 -17.78
C LEU B 70 27.69 -22.14 -17.37
N MET B 71 28.91 -21.57 -17.29
CA MET B 71 29.07 -20.18 -16.95
C MET B 71 28.21 -19.32 -17.86
N GLU B 72 28.20 -19.65 -19.16
CA GLU B 72 27.51 -18.87 -20.17
C GLU B 72 26.01 -19.12 -20.14
N ALA B 73 25.62 -20.38 -19.90
CA ALA B 73 24.22 -20.74 -19.73
C ALA B 73 23.60 -19.89 -18.61
N CYS B 74 24.28 -19.88 -17.45
CA CYS B 74 23.88 -19.13 -16.28
C CYS B 74 23.92 -17.63 -16.55
N ASN B 75 24.99 -17.16 -17.18
CA ASN B 75 25.12 -15.74 -17.50
C ASN B 75 23.96 -15.35 -18.43
N GLU B 76 23.60 -16.21 -19.36
CA GLU B 76 22.43 -15.97 -20.18
C GLU B 76 21.22 -15.81 -19.26
N PHE B 77 20.97 -16.81 -18.39
CA PHE B 77 19.82 -16.82 -17.50
C PHE B 77 19.78 -15.54 -16.64
N TYR B 78 20.90 -15.18 -16.02
CA TYR B 78 20.92 -14.09 -15.04
C TYR B 78 20.85 -12.73 -15.72
N THR B 79 21.04 -12.70 -17.06
CA THR B 79 20.77 -11.55 -17.92
C THR B 79 19.28 -11.45 -18.27
N ARG B 80 18.63 -12.58 -18.60
CA ARG B 80 17.19 -12.58 -18.81
C ARG B 80 16.41 -12.33 -17.52
N ILE B 81 16.91 -12.81 -16.36
CA ILE B 81 16.19 -12.78 -15.10
C ILE B 81 17.06 -12.17 -14.01
N PRO B 82 17.16 -10.81 -13.96
CA PRO B 82 18.16 -10.14 -13.12
C PRO B 82 18.06 -10.43 -11.63
N HIS B 83 19.21 -10.82 -11.07
CA HIS B 83 19.38 -11.01 -9.63
C HIS B 83 20.18 -9.82 -9.09
N ASP B 84 20.10 -9.62 -7.76
CA ASP B 84 20.58 -8.42 -7.09
C ASP B 84 21.59 -8.84 -6.04
N PHE B 85 22.85 -8.99 -6.49
CA PHE B 85 23.94 -9.42 -5.64
C PHE B 85 24.96 -8.29 -5.49
N GLY B 86 24.49 -7.04 -5.72
CA GLY B 86 25.35 -5.88 -5.69
C GLY B 86 26.28 -5.83 -6.91
N LEU B 87 27.59 -5.90 -6.65
CA LEU B 87 28.61 -6.07 -7.67
C LEU B 87 29.26 -7.47 -7.61
N ARG B 88 28.86 -8.31 -6.64
CA ARG B 88 29.27 -9.72 -6.60
C ARG B 88 28.83 -10.45 -7.88
N THR B 89 29.48 -11.59 -8.14
CA THR B 89 29.23 -12.37 -9.33
C THR B 89 28.15 -13.42 -9.03
N PRO B 90 27.06 -13.44 -9.80
CA PRO B 90 26.02 -14.46 -9.64
C PRO B 90 26.59 -15.86 -9.50
N PRO B 91 26.04 -16.69 -8.57
CA PRO B 91 26.45 -18.08 -8.41
C PRO B 91 25.90 -19.01 -9.50
N LEU B 92 26.66 -20.07 -9.80
CA LEU B 92 26.30 -21.04 -10.81
C LEU B 92 25.24 -22.00 -10.28
N ILE B 93 24.25 -22.28 -11.14
CA ILE B 93 23.17 -23.18 -10.81
C ILE B 93 23.63 -24.58 -11.18
N ARG B 94 23.57 -25.49 -10.22
CA ARG B 94 24.23 -26.78 -10.36
C ARG B 94 23.37 -27.87 -9.76
N THR B 95 22.84 -27.65 -8.56
CA THR B 95 22.09 -28.69 -7.89
C THR B 95 20.60 -28.56 -8.25
N GLN B 96 19.88 -29.65 -7.95
CA GLN B 96 18.46 -29.80 -8.11
C GLN B 96 17.74 -28.71 -7.31
N LYS B 97 18.26 -28.45 -6.11
CA LYS B 97 17.69 -27.48 -5.20
C LYS B 97 17.90 -26.04 -5.67
N GLU B 98 19.06 -25.73 -6.26
CA GLU B 98 19.31 -24.43 -6.88
C GLU B 98 18.35 -24.25 -8.07
N LEU B 99 18.33 -25.25 -8.94
CA LEU B 99 17.47 -25.24 -10.12
C LEU B 99 16.00 -24.98 -9.74
N SER B 100 15.51 -25.74 -8.77
CA SER B 100 14.12 -25.65 -8.34
C SER B 100 13.80 -24.28 -7.74
N GLU B 101 14.78 -23.64 -7.11
CA GLU B 101 14.59 -22.30 -6.58
C GLU B 101 14.34 -21.32 -7.72
N LYS B 102 15.07 -21.53 -8.85
CA LYS B 102 14.89 -20.64 -9.99
C LYS B 102 13.54 -20.90 -10.64
N ILE B 103 13.08 -22.17 -10.59
CA ILE B 103 11.77 -22.57 -11.11
C ILE B 103 10.66 -21.87 -10.32
N GLN B 104 10.80 -21.82 -8.98
CA GLN B 104 9.86 -21.13 -8.11
C GLN B 104 9.84 -19.62 -8.35
N LEU B 105 11.01 -19.05 -8.67
CA LEU B 105 11.10 -17.65 -9.04
C LEU B 105 10.25 -17.42 -10.29
N LEU B 106 10.51 -18.18 -11.36
CA LEU B 106 9.73 -18.06 -12.60
C LEU B 106 8.23 -18.25 -12.33
N GLU B 107 7.84 -19.29 -11.60
CA GLU B 107 6.43 -19.50 -11.25
C GLU B 107 5.85 -18.21 -10.63
N ALA B 108 6.54 -17.61 -9.65
CA ALA B 108 6.01 -16.41 -9.02
C ALA B 108 5.94 -15.26 -10.03
N LEU B 109 7.00 -15.07 -10.81
CA LEU B 109 7.02 -14.04 -11.84
C LEU B 109 5.88 -14.27 -12.82
N GLY B 110 5.60 -15.54 -13.12
CA GLY B 110 4.48 -15.91 -13.98
C GLY B 110 3.17 -15.34 -13.44
N ASP B 111 2.89 -15.63 -12.16
CA ASP B 111 1.62 -15.26 -11.54
C ASP B 111 1.60 -13.75 -11.28
N ILE B 112 2.75 -13.14 -11.08
CA ILE B 112 2.79 -11.69 -10.91
C ILE B 112 2.48 -10.96 -12.24
N GLU B 113 3.01 -11.47 -13.37
CA GLU B 113 2.66 -10.87 -14.65
C GLU B 113 1.15 -10.93 -14.86
N ILE B 114 0.49 -12.00 -14.37
CA ILE B 114 -0.95 -12.16 -14.51
C ILE B 114 -1.68 -11.17 -13.61
N ALA B 115 -1.15 -10.90 -12.43
CA ALA B 115 -1.85 -10.04 -11.50
C ALA B 115 -1.70 -8.57 -11.93
N ILE B 116 -0.50 -8.21 -12.39
CA ILE B 116 -0.23 -6.84 -12.75
C ILE B 116 -1.02 -6.47 -13.99
N LYS B 117 -1.24 -7.44 -14.87
CA LYS B 117 -2.02 -7.21 -16.06
C LYS B 117 -3.51 -7.28 -15.68
N LEU B 118 -3.87 -8.01 -14.62
CA LEU B 118 -5.27 -7.96 -14.21
C LEU B 118 -5.56 -6.64 -13.47
N VAL B 119 -4.58 -6.17 -12.70
CA VAL B 119 -4.72 -4.97 -11.89
C VAL B 119 -4.75 -3.76 -12.83
N LYS B 120 -3.96 -3.79 -13.91
CA LYS B 120 -3.83 -2.63 -14.79
C LYS B 120 -4.99 -2.58 -15.78
N SER B 121 -5.72 -3.69 -15.97
CA SER B 121 -6.89 -3.67 -16.84
C SER B 121 -8.07 -2.96 -16.18
N GLU B 122 -7.92 -2.58 -14.89
CA GLU B 122 -8.83 -1.66 -14.24
C GLU B 122 -9.20 -0.53 -15.21
N ARG B 123 -10.52 -0.34 -15.41
CA ARG B 123 -11.03 0.55 -16.44
C ARG B 123 -11.31 1.95 -15.86
N GLN B 124 -10.88 2.18 -14.62
CA GLN B 124 -10.98 3.48 -13.97
C GLN B 124 -12.37 3.62 -13.35
N GLY B 125 -12.80 4.87 -13.14
CA GLY B 125 -14.17 5.18 -12.79
C GLY B 125 -14.40 5.12 -11.29
N LEU B 126 -15.66 5.34 -10.90
CA LEU B 126 -16.13 5.31 -9.52
C LEU B 126 -16.31 3.86 -9.02
N GLU B 127 -16.19 2.84 -9.91
CA GLU B 127 -16.20 1.46 -9.42
C GLU B 127 -14.89 1.20 -8.67
N HIS B 128 -15.03 0.82 -7.39
CA HIS B 128 -13.90 0.58 -6.54
C HIS B 128 -12.90 -0.36 -7.22
N PRO B 129 -11.57 -0.10 -7.19
CA PRO B 129 -10.56 -1.10 -7.58
C PRO B 129 -10.90 -2.55 -7.22
N LEU B 130 -11.11 -2.85 -5.93
CA LEU B 130 -11.35 -4.22 -5.46
C LEU B 130 -12.49 -4.90 -6.21
N ASP B 131 -13.54 -4.14 -6.53
CA ASP B 131 -14.69 -4.71 -7.19
C ASP B 131 -14.34 -5.14 -8.62
N GLN B 132 -13.53 -4.32 -9.29
CA GLN B 132 -13.12 -4.59 -10.66
C GLN B 132 -12.24 -5.84 -10.68
N HIS B 133 -11.24 -5.84 -9.79
CA HIS B 133 -10.28 -6.92 -9.63
C HIS B 133 -11.02 -8.23 -9.34
N TYR B 134 -12.00 -8.20 -8.43
CA TYR B 134 -12.76 -9.40 -8.14
C TYR B 134 -13.42 -9.94 -9.41
N ARG B 135 -14.19 -9.08 -10.11
CA ARG B 135 -14.84 -9.50 -11.34
C ARG B 135 -13.88 -10.11 -12.37
N ASN B 136 -12.69 -9.51 -12.52
CA ASN B 136 -11.73 -9.92 -13.54
C ASN B 136 -11.03 -11.24 -13.15
N LEU B 137 -11.25 -11.72 -11.92
CA LEU B 137 -10.79 -13.04 -11.50
C LEU B 137 -11.57 -14.14 -12.23
N HIS B 138 -12.83 -13.87 -12.58
CA HIS B 138 -13.69 -14.89 -13.17
C HIS B 138 -13.62 -16.09 -12.24
N CYS B 139 -13.74 -15.78 -10.95
CA CYS B 139 -13.67 -16.78 -9.89
C CYS B 139 -14.47 -16.28 -8.69
N ALA B 140 -15.60 -16.91 -8.43
CA ALA B 140 -16.42 -16.56 -7.29
C ALA B 140 -15.75 -16.99 -6.00
N LEU B 141 -15.94 -16.19 -4.95
CA LEU B 141 -15.39 -16.45 -3.63
C LEU B 141 -16.46 -16.09 -2.62
N ARG B 142 -17.14 -17.07 -2.05
CA ARG B 142 -18.30 -16.78 -1.24
C ARG B 142 -17.97 -17.08 0.21
N PRO B 143 -17.87 -16.07 1.10
CA PRO B 143 -17.51 -16.33 2.49
C PRO B 143 -18.54 -17.26 3.11
N LEU B 144 -18.07 -18.11 4.04
CA LEU B 144 -18.93 -19.08 4.72
C LEU B 144 -19.04 -18.73 6.21
N ASP B 145 -20.18 -19.11 6.78
CA ASP B 145 -20.44 -19.03 8.21
C ASP B 145 -19.54 -20.00 8.96
N HIS B 146 -19.00 -19.46 10.08
CA HIS B 146 -18.12 -20.17 10.99
C HIS B 146 -18.83 -21.35 11.66
N GLU B 147 -20.18 -21.35 11.72
CA GLU B 147 -20.95 -22.45 12.30
C GLU B 147 -21.53 -23.38 11.22
N SER B 148 -21.34 -23.07 9.93
CA SER B 148 -21.63 -24.06 8.89
C SER B 148 -20.93 -25.38 9.21
N TYR B 149 -21.51 -26.46 8.66
CA TYR B 149 -20.88 -27.77 8.66
C TYR B 149 -19.60 -27.76 7.80
N GLU B 150 -19.55 -26.93 6.77
CA GLU B 150 -18.39 -26.88 5.90
C GLU B 150 -17.19 -26.31 6.67
N PHE B 151 -17.40 -25.18 7.33
CA PHE B 151 -16.37 -24.60 8.18
C PHE B 151 -15.90 -25.61 9.24
N LYS B 152 -16.81 -26.37 9.83
CA LYS B 152 -16.45 -27.21 10.97
C LYS B 152 -15.62 -28.40 10.48
N VAL B 153 -16.06 -29.01 9.37
CA VAL B 153 -15.33 -30.13 8.83
C VAL B 153 -13.98 -29.67 8.26
N ILE B 154 -13.90 -28.45 7.73
CA ILE B 154 -12.63 -27.98 7.18
C ILE B 154 -11.71 -27.45 8.30
N SER B 155 -12.31 -26.98 9.40
CA SER B 155 -11.51 -26.59 10.54
C SER B 155 -10.81 -27.82 11.13
N GLN B 156 -11.54 -28.95 11.12
CA GLN B 156 -11.05 -30.18 11.69
C GLN B 156 -9.98 -30.77 10.76
N TYR B 157 -10.19 -30.67 9.44
CA TYR B 157 -9.19 -31.11 8.47
C TYR B 157 -7.92 -30.29 8.64
N LEU B 158 -8.05 -29.00 8.91
CA LEU B 158 -6.89 -28.13 9.08
C LEU B 158 -6.06 -28.59 10.27
N GLN B 159 -6.73 -28.77 11.42
CA GLN B 159 -6.07 -29.03 12.68
C GLN B 159 -5.66 -30.51 12.75
N SER B 160 -6.54 -31.41 12.35
CA SER B 160 -6.28 -32.84 12.51
C SER B 160 -5.11 -33.32 11.63
N THR B 161 -4.70 -32.51 10.64
CA THR B 161 -3.62 -32.89 9.74
C THR B 161 -2.47 -31.89 9.75
N HIS B 162 -2.43 -30.97 10.72
CA HIS B 162 -1.19 -30.24 10.97
C HIS B 162 -0.15 -31.23 11.52
N ALA B 163 0.84 -31.58 10.69
CA ALA B 163 1.91 -32.53 10.99
C ALA B 163 2.76 -32.09 12.19
N PRO B 164 3.23 -33.08 13.01
CA PRO B 164 3.96 -32.79 14.25
C PRO B 164 5.44 -32.44 14.07
N THR B 165 5.95 -32.49 12.84
CA THR B 165 7.32 -32.10 12.54
C THR B 165 7.37 -30.61 12.17
N HIS B 166 6.19 -30.02 11.90
CA HIS B 166 6.07 -28.59 11.64
C HIS B 166 5.41 -27.92 12.84
N SER B 167 6.09 -27.95 13.99
CA SER B 167 5.53 -27.48 15.26
C SER B 167 6.17 -26.16 15.68
N ASP B 168 6.91 -25.53 14.76
CA ASP B 168 7.41 -24.16 14.86
C ASP B 168 6.32 -23.13 14.59
N TYR B 169 5.06 -23.57 14.39
CA TYR B 169 3.91 -22.68 14.22
C TYR B 169 2.62 -23.49 14.39
N THR B 170 1.54 -22.81 14.84
CA THR B 170 0.17 -23.30 14.71
C THR B 170 -0.61 -22.38 13.74
N MET B 171 -1.87 -22.73 13.50
CA MET B 171 -2.63 -22.10 12.43
C MET B 171 -4.04 -21.75 12.92
N THR B 172 -4.40 -20.46 12.82
CA THR B 172 -5.75 -20.01 13.13
C THR B 172 -6.50 -19.78 11.82
N LEU B 173 -7.72 -20.34 11.74
CA LEU B 173 -8.53 -20.16 10.54
C LEU B 173 -9.35 -18.87 10.71
N LEU B 174 -8.98 -17.82 9.94
CA LEU B 174 -9.61 -16.50 9.95
C LEU B 174 -10.88 -16.48 9.11
N ASP B 175 -10.80 -16.89 7.84
CA ASP B 175 -11.98 -16.91 6.97
C ASP B 175 -11.95 -18.12 6.06
N LEU B 176 -13.15 -18.54 5.63
CA LEU B 176 -13.36 -19.64 4.72
C LEU B 176 -14.20 -19.18 3.53
N PHE B 177 -13.66 -19.35 2.32
CA PHE B 177 -14.35 -19.04 1.08
C PHE B 177 -14.62 -20.32 0.28
N GLU B 178 -15.84 -20.43 -0.23
CA GLU B 178 -16.12 -21.34 -1.31
C GLU B 178 -15.57 -20.72 -2.59
N VAL B 179 -14.94 -21.57 -3.42
CA VAL B 179 -14.26 -21.16 -4.63
C VAL B 179 -14.99 -21.79 -5.81
N GLU B 180 -15.48 -20.95 -6.74
CA GLU B 180 -16.01 -21.47 -7.98
C GLU B 180 -15.43 -20.68 -9.14
N LYS B 181 -14.44 -21.30 -9.81
CA LYS B 181 -13.81 -20.77 -11.01
C LYS B 181 -14.61 -21.20 -12.22
N ASP B 182 -14.86 -20.24 -13.12
CA ASP B 182 -15.64 -20.46 -14.33
C ASP B 182 -15.01 -21.58 -15.12
N GLY B 183 -15.82 -22.54 -15.54
CA GLY B 183 -15.35 -23.54 -16.49
C GLY B 183 -14.88 -24.81 -15.80
N GLU B 184 -14.61 -24.76 -14.48
CA GLU B 184 -13.90 -25.85 -13.83
C GLU B 184 -14.80 -27.04 -13.61
N LYS B 185 -16.05 -26.78 -13.25
CA LYS B 185 -17.02 -27.84 -13.03
C LYS B 185 -17.25 -28.62 -14.31
N GLU B 186 -17.31 -27.91 -15.43
CA GLU B 186 -17.65 -28.49 -16.73
C GLU B 186 -16.47 -29.33 -17.28
N ALA B 187 -15.23 -28.93 -16.97
CA ALA B 187 -14.04 -29.64 -17.42
C ALA B 187 -13.76 -30.88 -16.56
N PHE B 188 -14.23 -30.85 -15.30
CA PHE B 188 -13.76 -31.80 -14.30
C PHE B 188 -14.18 -33.22 -14.59
N ARG B 189 -13.20 -34.13 -14.47
CA ARG B 189 -13.36 -35.58 -14.63
C ARG B 189 -14.01 -36.21 -13.40
N GLU B 190 -15.35 -36.20 -13.38
CA GLU B 190 -16.10 -36.75 -12.27
C GLU B 190 -16.36 -38.24 -12.49
N ASP B 191 -15.98 -38.78 -13.65
CA ASP B 191 -16.07 -40.21 -13.88
C ASP B 191 -15.04 -40.97 -13.02
N LEU B 192 -13.83 -40.40 -12.85
CA LEU B 192 -12.75 -41.06 -12.12
C LEU B 192 -13.08 -41.27 -10.65
N HIS B 193 -12.73 -42.47 -10.14
CA HIS B 193 -12.81 -42.82 -8.74
C HIS B 193 -11.69 -42.09 -7.97
N ASN B 194 -11.74 -42.18 -6.65
CA ASN B 194 -10.66 -41.73 -5.80
C ASN B 194 -10.59 -40.20 -5.89
N ARG B 195 -11.77 -39.56 -5.82
CA ARG B 195 -11.89 -38.12 -5.80
C ARG B 195 -11.66 -37.67 -4.36
N MET B 196 -10.60 -36.92 -4.10
CA MET B 196 -10.31 -36.48 -2.74
C MET B 196 -10.15 -34.96 -2.68
N LEU B 197 -10.37 -34.42 -1.47
CA LEU B 197 -10.23 -33.01 -1.20
C LEU B 197 -8.86 -32.75 -0.57
N LEU B 198 -7.94 -32.14 -1.35
CA LEU B 198 -6.53 -32.05 -0.99
C LEU B 198 -6.02 -30.61 -0.97
N TRP B 199 -4.89 -30.45 -0.25
CA TRP B 199 -4.39 -29.12 0.10
C TRP B 199 -3.44 -28.61 -0.99
N HIS B 200 -3.42 -27.29 -1.20
CA HIS B 200 -2.34 -26.68 -1.95
C HIS B 200 -2.01 -25.31 -1.35
N GLY B 201 -0.73 -25.10 -1.02
CA GLY B 201 -0.22 -23.82 -0.56
C GLY B 201 0.65 -23.17 -1.62
N SER B 202 0.73 -21.83 -1.59
CA SER B 202 1.51 -21.06 -2.54
C SER B 202 1.84 -19.72 -1.91
N ARG B 203 2.79 -18.99 -2.47
CA ARG B 203 3.10 -17.68 -1.95
C ARG B 203 1.95 -16.73 -2.21
N MET B 204 1.87 -15.67 -1.40
CA MET B 204 0.82 -14.67 -1.50
C MET B 204 0.81 -14.04 -2.89
N SER B 205 1.99 -13.96 -3.51
CA SER B 205 2.17 -13.31 -4.81
C SER B 205 1.52 -14.13 -5.94
N ASN B 206 0.99 -15.31 -5.61
CA ASN B 206 0.65 -16.30 -6.63
C ASN B 206 -0.87 -16.45 -6.79
N TRP B 207 -1.66 -15.93 -5.85
CA TRP B 207 -3.06 -16.33 -5.73
C TRP B 207 -3.94 -15.78 -6.85
N VAL B 208 -3.58 -14.60 -7.41
CA VAL B 208 -4.37 -13.99 -8.47
C VAL B 208 -4.25 -14.87 -9.70
N GLY B 209 -3.01 -15.25 -10.03
CA GLY B 209 -2.73 -16.23 -11.07
C GLY B 209 -3.56 -17.49 -10.85
N ILE B 210 -3.53 -18.02 -9.62
CA ILE B 210 -4.15 -19.29 -9.35
C ILE B 210 -5.67 -19.17 -9.45
N LEU B 211 -6.22 -18.12 -8.84
CA LEU B 211 -7.66 -17.96 -8.85
C LEU B 211 -8.15 -17.57 -10.25
N SER B 212 -7.41 -16.79 -11.02
CA SER B 212 -7.89 -16.37 -12.34
C SER B 212 -7.61 -17.38 -13.46
N HIS B 213 -6.47 -18.08 -13.45
CA HIS B 213 -6.15 -19.05 -14.50
C HIS B 213 -6.18 -20.52 -14.04
N GLY B 214 -6.41 -20.81 -12.76
CA GLY B 214 -6.38 -22.18 -12.28
C GLY B 214 -4.93 -22.59 -12.00
N LEU B 215 -4.75 -23.76 -11.38
CA LEU B 215 -3.44 -24.42 -11.30
C LEU B 215 -3.06 -24.99 -12.67
N ARG B 216 -1.87 -24.60 -13.15
CA ARG B 216 -1.40 -24.88 -14.49
C ARG B 216 -0.28 -25.92 -14.51
N ILE B 217 -0.14 -26.57 -15.68
CA ILE B 217 0.97 -27.46 -15.98
C ILE B 217 2.16 -26.55 -16.32
N ALA B 218 3.34 -26.92 -15.79
CA ALA B 218 4.55 -26.17 -16.10
C ALA B 218 4.78 -26.26 -17.60
N PRO B 219 5.47 -25.29 -18.23
CA PRO B 219 5.57 -25.25 -19.69
C PRO B 219 6.58 -26.29 -20.15
N PRO B 220 6.58 -26.74 -21.43
CA PRO B 220 7.58 -27.69 -21.90
C PRO B 220 9.05 -27.24 -21.87
N GLU B 221 9.29 -25.92 -21.88
CA GLU B 221 10.64 -25.35 -21.86
C GLU B 221 11.27 -25.43 -20.47
N ALA B 222 10.44 -25.70 -19.44
CA ALA B 222 10.94 -25.81 -18.09
C ALA B 222 11.77 -27.08 -17.96
N PRO B 223 12.86 -27.08 -17.18
CA PRO B 223 13.67 -28.28 -17.00
C PRO B 223 12.93 -29.33 -16.18
N ILE B 224 12.80 -30.54 -16.73
CA ILE B 224 12.00 -31.57 -16.11
C ILE B 224 12.56 -32.00 -14.75
N THR B 225 13.88 -31.84 -14.53
CA THR B 225 14.51 -32.31 -13.29
C THR B 225 14.19 -31.36 -12.13
N GLY B 226 13.53 -30.23 -12.44
CA GLY B 226 13.05 -29.31 -11.42
C GLY B 226 11.77 -29.76 -10.72
N TYR B 227 11.28 -30.96 -11.08
CA TYR B 227 9.98 -31.44 -10.66
C TYR B 227 10.12 -32.86 -10.16
N MET B 228 10.04 -33.04 -8.84
CA MET B 228 10.28 -34.31 -8.18
C MET B 228 9.45 -35.44 -8.79
N PHE B 229 8.26 -35.11 -9.34
CA PHE B 229 7.40 -36.14 -9.91
C PHE B 229 6.83 -35.67 -11.25
N GLY B 230 7.60 -34.85 -11.97
CA GLY B 230 7.17 -34.42 -13.30
C GLY B 230 6.28 -33.17 -13.28
N LYS B 231 5.92 -32.75 -14.49
CA LYS B 231 5.27 -31.47 -14.72
C LYS B 231 3.76 -31.64 -14.57
N GLY B 232 3.30 -31.47 -13.32
CA GLY B 232 1.92 -31.66 -12.93
C GLY B 232 1.51 -30.69 -11.83
N ILE B 233 0.39 -31.04 -11.17
CA ILE B 233 -0.21 -30.22 -10.12
C ILE B 233 -0.15 -31.01 -8.83
N TYR B 234 0.47 -30.37 -7.83
CA TYR B 234 0.88 -31.05 -6.62
C TYR B 234 -0.02 -30.66 -5.45
N PHE B 235 -0.45 -31.70 -4.70
CA PHE B 235 -1.32 -31.58 -3.54
C PHE B 235 -0.82 -32.45 -2.38
N ALA B 236 -1.30 -32.13 -1.18
CA ALA B 236 -0.96 -32.89 0.01
C ALA B 236 -2.23 -33.20 0.80
N ASP B 237 -2.17 -34.26 1.63
CA ASP B 237 -3.29 -34.57 2.52
C ASP B 237 -3.02 -34.09 3.95
N MET B 238 -1.91 -33.36 4.17
CA MET B 238 -1.61 -32.74 5.45
C MET B 238 -1.45 -31.24 5.21
N SER B 239 -2.25 -30.46 5.94
CA SER B 239 -2.29 -29.02 5.84
C SER B 239 -0.90 -28.39 5.92
N SER B 240 -0.10 -28.86 6.89
CA SER B 240 1.21 -28.30 7.23
C SER B 240 2.22 -28.45 6.10
N LYS B 241 2.15 -29.58 5.39
CA LYS B 241 2.98 -29.78 4.21
C LYS B 241 2.68 -28.71 3.16
N SER B 242 1.39 -28.42 2.88
CA SER B 242 1.05 -27.38 1.90
C SER B 242 1.40 -25.98 2.43
N ALA B 243 1.14 -25.78 3.72
CA ALA B 243 1.33 -24.51 4.41
C ALA B 243 2.79 -24.04 4.42
N ASN B 244 3.75 -24.97 4.35
CA ASN B 244 5.12 -24.54 4.27
C ASN B 244 5.35 -23.82 2.95
N TYR B 245 4.50 -24.09 1.94
CA TYR B 245 4.63 -23.49 0.63
C TYR B 245 3.96 -22.11 0.56
N CYS B 246 3.30 -21.68 1.64
CA CYS B 246 2.85 -20.31 1.79
C CYS B 246 3.99 -19.31 2.03
N PHE B 247 5.09 -19.81 2.62
CA PHE B 247 6.24 -19.01 3.04
C PHE B 247 5.83 -17.89 4.00
N ALA B 248 4.87 -18.16 4.90
CA ALA B 248 4.50 -17.19 5.92
C ALA B 248 5.69 -16.93 6.84
N SER B 249 5.88 -15.66 7.20
CA SER B 249 6.91 -15.23 8.12
C SER B 249 6.24 -14.74 9.40
N ARG B 250 7.04 -14.27 10.36
CA ARG B 250 6.53 -13.74 11.62
C ARG B 250 5.89 -12.37 11.33
N LEU B 251 6.40 -11.67 10.31
CA LEU B 251 5.98 -10.32 9.94
C LEU B 251 4.80 -10.38 8.97
N LYS B 252 4.97 -11.16 7.89
CA LYS B 252 3.89 -11.42 6.94
C LYS B 252 3.27 -12.77 7.31
N ASN B 253 2.39 -12.78 8.32
CA ASN B 253 2.01 -14.03 8.97
C ASN B 253 0.64 -14.53 8.49
N THR B 254 -0.02 -13.80 7.58
CA THR B 254 -1.19 -14.35 6.90
C THR B 254 -0.75 -15.16 5.69
N GLY B 255 -1.37 -16.34 5.50
CA GLY B 255 -1.21 -17.14 4.30
C GLY B 255 -2.54 -17.72 3.82
N LEU B 256 -2.61 -18.16 2.55
CA LEU B 256 -3.82 -18.78 2.07
C LEU B 256 -3.53 -20.24 1.74
N LEU B 257 -4.49 -21.11 2.08
CA LEU B 257 -4.47 -22.53 1.75
C LEU B 257 -5.67 -22.83 0.83
N LEU B 258 -5.44 -23.68 -0.18
CA LEU B 258 -6.48 -24.01 -1.13
C LEU B 258 -6.88 -25.47 -0.92
N LEU B 259 -8.20 -25.72 -0.94
CA LEU B 259 -8.73 -27.06 -0.93
C LEU B 259 -9.38 -27.33 -2.28
N SER B 260 -9.01 -28.47 -2.92
CA SER B 260 -9.51 -28.82 -4.25
C SER B 260 -9.99 -30.26 -4.29
N GLU B 261 -11.03 -30.53 -5.08
CA GLU B 261 -11.37 -31.91 -5.41
C GLU B 261 -10.40 -32.35 -6.51
N VAL B 262 -9.77 -33.51 -6.30
CA VAL B 262 -8.73 -34.02 -7.19
C VAL B 262 -9.15 -35.42 -7.62
N ALA B 263 -9.39 -35.59 -8.93
CA ALA B 263 -9.77 -36.88 -9.48
C ALA B 263 -8.49 -37.67 -9.71
N LEU B 264 -8.09 -38.40 -8.66
CA LEU B 264 -6.84 -39.13 -8.68
C LEU B 264 -6.94 -40.37 -9.57
N GLY B 265 -8.10 -41.06 -9.53
CA GLY B 265 -8.22 -42.35 -10.20
C GLY B 265 -7.28 -43.41 -9.61
N GLN B 266 -6.69 -44.23 -10.51
CA GLN B 266 -5.60 -45.14 -10.19
C GLN B 266 -4.31 -44.35 -9.95
N CYS B 267 -3.89 -44.36 -8.68
CA CYS B 267 -2.58 -43.85 -8.32
C CYS B 267 -1.47 -44.84 -8.68
N ASN B 268 -0.41 -44.29 -9.32
CA ASN B 268 0.90 -44.92 -9.35
C ASN B 268 1.69 -44.49 -8.11
N GLU B 269 2.03 -45.46 -7.25
CA GLU B 269 2.68 -45.15 -5.97
C GLU B 269 4.20 -45.25 -6.10
N LEU B 270 4.90 -44.21 -5.65
CA LEU B 270 6.34 -44.14 -5.70
C LEU B 270 6.85 -43.87 -4.29
N LEU B 271 8.00 -44.46 -3.97
CA LEU B 271 8.70 -44.22 -2.72
C LEU B 271 9.79 -43.18 -2.91
N GLU B 272 10.19 -42.96 -4.15
CA GLU B 272 11.33 -42.08 -4.41
C GLU B 272 10.97 -41.12 -5.53
N ALA B 273 11.52 -39.91 -5.48
CA ALA B 273 11.33 -38.93 -6.56
C ALA B 273 11.71 -39.55 -7.90
N ASN B 274 11.04 -39.12 -8.97
CA ASN B 274 11.35 -39.48 -10.34
C ASN B 274 10.73 -38.46 -11.29
N PRO B 275 11.48 -37.43 -11.73
CA PRO B 275 10.94 -36.39 -12.61
C PRO B 275 10.28 -36.96 -13.87
N LYS B 276 10.58 -38.23 -14.15
CA LYS B 276 10.00 -38.93 -15.29
C LYS B 276 8.70 -39.65 -14.95
N ALA B 277 8.09 -39.38 -13.78
CA ALA B 277 6.95 -40.16 -13.27
C ALA B 277 5.78 -40.23 -14.24
N GLU B 278 5.55 -39.13 -14.99
CA GLU B 278 4.35 -39.05 -15.82
C GLU B 278 4.39 -40.15 -16.88
N GLY B 279 5.61 -40.50 -17.30
CA GLY B 279 5.84 -41.51 -18.33
C GLY B 279 5.63 -42.94 -17.83
N LEU B 280 5.65 -43.10 -16.50
CA LEU B 280 5.42 -44.35 -15.81
C LEU B 280 3.92 -44.62 -15.68
N LEU B 281 3.08 -43.61 -15.95
CA LEU B 281 1.64 -43.77 -15.74
C LEU B 281 1.14 -45.04 -16.42
N GLN B 282 1.35 -45.14 -17.75
CA GLN B 282 0.99 -46.32 -18.54
C GLN B 282 -0.53 -46.55 -18.50
N GLY B 283 -1.32 -45.48 -18.36
CA GLY B 283 -2.77 -45.59 -18.32
C GLY B 283 -3.36 -45.39 -16.92
N LYS B 284 -2.51 -45.28 -15.88
CA LYS B 284 -2.95 -44.76 -14.60
C LYS B 284 -3.25 -43.24 -14.70
N HIS B 285 -3.82 -42.68 -13.64
CA HIS B 285 -4.41 -41.34 -13.70
C HIS B 285 -3.65 -40.33 -12.84
N SER B 286 -2.77 -40.82 -11.95
CA SER B 286 -2.07 -39.95 -11.03
C SER B 286 -0.86 -40.66 -10.42
N THR B 287 0.04 -39.85 -9.83
CA THR B 287 1.20 -40.34 -9.14
C THR B 287 1.01 -40.02 -7.66
N LYS B 288 1.36 -41.00 -6.83
CA LYS B 288 1.35 -40.78 -5.40
C LYS B 288 2.71 -41.15 -4.81
N GLY B 289 3.40 -40.13 -4.31
CA GLY B 289 4.62 -40.27 -3.54
C GLY B 289 4.28 -40.53 -2.08
N LEU B 290 4.73 -41.69 -1.56
CA LEU B 290 4.28 -42.18 -0.26
C LEU B 290 5.21 -41.60 0.82
N GLY B 291 4.63 -40.88 1.79
CA GLY B 291 5.36 -40.39 2.95
C GLY B 291 5.17 -41.29 4.18
N LYS B 292 6.00 -41.07 5.20
CA LYS B 292 5.95 -41.87 6.41
C LYS B 292 4.61 -41.65 7.12
N MET B 293 4.18 -40.38 7.22
CA MET B 293 3.05 -40.05 8.06
C MET B 293 1.86 -39.57 7.21
N ALA B 294 0.75 -40.30 7.30
CA ALA B 294 -0.46 -39.92 6.58
C ALA B 294 -1.71 -40.22 7.42
N PRO B 295 -2.83 -39.52 7.13
CA PRO B 295 -4.14 -39.89 7.68
C PRO B 295 -4.51 -41.32 7.34
N SER B 296 -5.18 -42.00 8.28
CA SER B 296 -5.59 -43.36 8.02
C SER B 296 -7.02 -43.36 7.50
N SER B 297 -7.29 -44.36 6.64
CA SER B 297 -8.55 -44.59 5.95
C SER B 297 -9.75 -44.56 6.90
N ALA B 298 -9.58 -45.07 8.11
CA ALA B 298 -10.70 -45.28 9.01
C ALA B 298 -11.25 -43.96 9.56
N HIS B 299 -10.57 -42.82 9.34
CA HIS B 299 -11.02 -41.52 9.86
C HIS B 299 -11.63 -40.64 8.75
N PHE B 300 -11.75 -41.18 7.53
CA PHE B 300 -12.27 -40.45 6.38
C PHE B 300 -13.78 -40.30 6.40
N VAL B 301 -14.24 -39.05 6.22
CA VAL B 301 -15.61 -38.72 5.88
C VAL B 301 -15.66 -38.30 4.40
N THR B 302 -16.86 -37.99 3.88
CA THR B 302 -17.01 -37.45 2.54
C THR B 302 -17.67 -36.08 2.63
N LEU B 303 -17.35 -35.18 1.70
CA LEU B 303 -17.93 -33.85 1.66
C LEU B 303 -18.35 -33.58 0.22
N ASN B 304 -19.65 -33.62 -0.05
CA ASN B 304 -20.18 -33.30 -1.36
C ASN B 304 -19.50 -34.16 -2.42
N GLY B 305 -19.37 -35.47 -2.15
CA GLY B 305 -18.88 -36.39 -3.13
C GLY B 305 -17.35 -36.53 -3.17
N SER B 306 -16.63 -35.87 -2.26
CA SER B 306 -15.18 -35.97 -2.14
C SER B 306 -14.76 -36.53 -0.78
N THR B 307 -13.79 -37.46 -0.77
CA THR B 307 -13.21 -37.96 0.46
C THR B 307 -12.32 -36.92 1.16
N VAL B 308 -12.61 -36.62 2.43
CA VAL B 308 -11.73 -35.69 3.22
C VAL B 308 -10.82 -36.55 4.10
N PRO B 309 -9.50 -36.60 3.82
CA PRO B 309 -8.57 -37.41 4.60
C PRO B 309 -8.24 -36.80 5.98
N LEU B 310 -9.20 -36.85 6.90
CA LEU B 310 -9.04 -36.26 8.26
C LEU B 310 -8.04 -37.05 9.09
N GLY B 311 -7.48 -36.40 10.10
CA GLY B 311 -6.59 -37.09 11.04
C GLY B 311 -7.35 -37.57 12.25
N PRO B 312 -6.69 -37.97 13.35
CA PRO B 312 -5.24 -37.85 13.47
C PRO B 312 -4.46 -38.73 12.48
N ALA B 313 -3.23 -38.34 12.16
CA ALA B 313 -2.41 -39.11 11.19
C ALA B 313 -1.46 -40.08 11.90
N SER B 314 -1.30 -41.27 11.33
CA SER B 314 -0.39 -42.29 11.90
C SER B 314 0.97 -42.21 11.21
N ASP B 315 2.04 -42.55 11.91
CA ASP B 315 3.40 -42.41 11.32
C ASP B 315 4.04 -43.77 11.06
N THR B 316 3.84 -44.31 9.87
CA THR B 316 4.54 -45.53 9.45
C THR B 316 6.00 -45.18 9.14
N GLY B 317 6.79 -44.90 10.19
CA GLY B 317 8.09 -44.26 10.01
C GLY B 317 8.72 -43.68 11.28
N ILE B 318 7.97 -43.61 12.38
CA ILE B 318 8.58 -43.53 13.70
C ILE B 318 8.26 -44.84 14.45
N LEU B 319 8.26 -45.97 13.70
CA LEU B 319 8.50 -47.30 14.25
C LEU B 319 9.20 -48.20 13.23
N ASN B 320 8.80 -48.17 11.95
CA ASN B 320 9.51 -48.91 10.91
C ASN B 320 9.99 -47.95 9.83
N PRO B 321 11.14 -47.26 9.98
CA PRO B 321 11.56 -46.23 9.00
C PRO B 321 11.77 -46.65 7.54
N ASP B 322 12.64 -47.62 7.27
CA ASP B 322 12.97 -47.98 5.86
C ASP B 322 13.50 -46.74 5.16
N GLY B 323 13.79 -45.66 5.91
CA GLY B 323 14.19 -44.42 5.24
C GLY B 323 13.21 -44.18 4.10
N TYR B 324 11.93 -44.42 4.36
CA TYR B 324 10.86 -44.19 3.37
C TYR B 324 11.26 -43.13 2.36
N THR B 325 11.84 -42.01 2.82
CA THR B 325 12.06 -40.85 1.93
C THR B 325 10.67 -40.25 1.75
N LEU B 326 10.49 -38.99 2.10
CA LEU B 326 9.19 -38.32 2.09
C LEU B 326 8.56 -38.50 3.46
N ASN B 327 8.30 -37.38 4.13
CA ASN B 327 7.65 -37.43 5.41
C ASN B 327 6.14 -37.53 5.19
N TYR B 328 5.68 -37.00 4.05
CA TYR B 328 4.25 -36.86 3.80
C TYR B 328 3.97 -37.29 2.37
N ASN B 329 2.71 -37.66 2.15
CA ASN B 329 2.25 -37.98 0.82
C ASN B 329 2.35 -36.74 -0.09
N GLU B 330 2.49 -37.05 -1.39
CA GLU B 330 2.29 -36.09 -2.46
C GLU B 330 1.38 -36.76 -3.47
N TYR B 331 0.41 -35.99 -3.97
CA TYR B 331 -0.44 -36.40 -5.07
C TYR B 331 -0.20 -35.47 -6.26
N ILE B 332 0.02 -36.06 -7.43
CA ILE B 332 0.25 -35.29 -8.64
C ILE B 332 -0.69 -35.81 -9.71
N VAL B 333 -1.40 -34.85 -10.33
CA VAL B 333 -2.17 -35.07 -11.54
C VAL B 333 -1.51 -34.20 -12.61
N TYR B 334 -1.67 -34.64 -13.86
CA TYR B 334 -0.97 -34.09 -15.01
C TYR B 334 -1.95 -33.38 -15.93
N ASN B 335 -3.21 -33.23 -15.47
CA ASN B 335 -4.22 -32.55 -16.27
C ASN B 335 -5.07 -31.67 -15.34
N PRO B 336 -5.27 -30.36 -15.65
CA PRO B 336 -6.14 -29.52 -14.81
C PRO B 336 -7.61 -29.97 -14.70
N ASN B 337 -8.08 -30.77 -15.66
CA ASN B 337 -9.42 -31.33 -15.61
C ASN B 337 -9.57 -32.40 -14.51
N GLN B 338 -8.50 -32.67 -13.77
CA GLN B 338 -8.61 -33.53 -12.61
C GLN B 338 -8.68 -32.68 -11.35
N VAL B 339 -8.68 -31.34 -11.51
CA VAL B 339 -8.72 -30.42 -10.40
C VAL B 339 -9.97 -29.55 -10.50
N ARG B 340 -10.57 -29.30 -9.33
CA ARG B 340 -11.71 -28.43 -9.11
C ARG B 340 -11.58 -27.67 -7.80
N MET B 341 -11.17 -26.42 -7.87
CA MET B 341 -10.96 -25.64 -6.68
C MET B 341 -12.31 -25.49 -5.96
N ARG B 342 -12.30 -25.64 -4.63
CA ARG B 342 -13.51 -25.65 -3.83
C ARG B 342 -13.44 -24.67 -2.66
N TYR B 343 -12.32 -24.56 -1.94
CA TYR B 343 -12.32 -23.76 -0.72
C TYR B 343 -11.02 -22.99 -0.60
N LEU B 344 -11.13 -21.76 -0.08
CA LEU B 344 -9.95 -20.96 0.18
C LEU B 344 -9.98 -20.50 1.63
N LEU B 345 -8.92 -20.88 2.35
CA LEU B 345 -8.76 -20.63 3.77
C LEU B 345 -7.82 -19.45 3.91
N LYS B 346 -8.27 -18.38 4.61
CA LYS B 346 -7.31 -17.40 5.08
C LYS B 346 -6.79 -17.85 6.45
N VAL B 347 -5.48 -17.96 6.58
CA VAL B 347 -4.85 -18.60 7.71
C VAL B 347 -3.84 -17.65 8.34
N GLN B 348 -3.87 -17.62 9.69
CA GLN B 348 -2.93 -16.89 10.52
C GLN B 348 -1.94 -17.87 11.16
N PHE B 349 -0.66 -17.61 10.92
CA PHE B 349 0.42 -18.45 11.42
C PHE B 349 0.93 -17.85 12.73
N ASN B 350 0.71 -18.62 13.82
CA ASN B 350 1.12 -18.26 15.17
C ASN B 350 2.44 -18.98 15.45
N PHE B 351 3.57 -18.32 15.16
CA PHE B 351 4.86 -18.97 15.30
C PHE B 351 5.13 -19.27 16.78
N LEU B 352 5.40 -20.56 17.08
CA LEU B 352 5.66 -20.97 18.46
C LEU B 352 7.11 -20.62 18.81
N GLN B 353 7.31 -19.37 19.23
CA GLN B 353 8.59 -18.85 19.69
C GLN B 353 8.35 -17.51 20.42
C1 GOL C . -9.36 25.72 9.05
O1 GOL C . -10.80 25.71 8.99
C2 GOL C . -8.82 25.79 7.65
O2 GOL C . -9.01 24.43 7.04
C3 GOL C . -7.35 26.11 7.51
O3 GOL C . -6.91 27.20 8.44
C10 25I D . -3.61 27.18 10.24
C13 25I D . -2.89 28.45 9.82
C15 25I D . -2.39 31.82 9.12
C17 25I D . -6.68 24.09 10.60
C20 25I D . -5.81 18.24 9.88
C21 25I D . -4.75 17.32 9.58
C22 25I D . -3.82 17.55 8.57
C01 25I D . -3.02 19.09 6.79
C02 25I D . -3.96 18.78 7.86
C03 25I D . -5.00 19.70 8.16
C04 25I D . -5.08 20.90 7.38
C05 25I D . -6.16 21.89 7.61
C06 25I D . -5.92 22.85 8.71
C07 25I D . -4.66 23.37 8.93
C08 25I D . -4.37 24.27 9.97
C09 25I D . -2.95 24.77 10.12
C11 25I D . -1.24 26.47 10.41
C12 25I D . -0.80 27.28 9.23
C14 25I D . -2.30 30.34 9.31
C16 25I D . -5.41 24.63 10.81
C18 25I D . -6.96 23.19 9.56
C19 25I D . -5.91 19.42 9.19
F01 25I D . -3.62 32.09 8.71
F02 25I D . -1.51 32.21 8.22
F03 25I D . -2.11 32.55 10.20
F04 25I D . -5.23 25.55 11.86
N01 25I D . -2.65 26.08 10.26
N02 25I D . -1.62 28.46 9.37
N03 25I D . -3.35 29.66 9.78
N04 25I D . -1.21 29.68 9.03
N05 25I D . -4.26 21.17 6.42
N06 25I D . -3.28 20.29 6.16
O01 25I D . -2.11 18.32 6.45
O02 25I D . -2.01 23.94 10.15
C1 GOL E . 3.27 -23.38 -8.82
O1 GOL E . 3.98 -23.88 -7.63
C2 GOL E . 2.69 -22.00 -8.67
O2 GOL E . 3.67 -21.20 -7.90
C3 GOL E . 2.47 -21.29 -9.97
O3 GOL E . 1.03 -20.99 -10.18
C10 25I F . 3.69 -26.17 -10.68
C13 25I F . 3.30 -25.04 -11.59
C15 25I F . 3.47 -22.52 -14.03
C17 25I F . 6.13 -28.78 -8.04
C20 25I F . 4.02 -31.28 -3.06
C21 25I F . 2.85 -31.40 -2.31
C22 25I F . 2.12 -30.23 -2.02
C01 25I F . 1.73 -27.79 -2.21
C02 25I F . 2.54 -28.99 -2.50
C03 25I F . 3.71 -28.86 -3.27
C04 25I F . 4.05 -27.53 -3.80
C05 25I F . 5.32 -27.26 -4.61
C06 25I F . 5.24 -27.71 -6.06
C07 25I F . 4.07 -27.41 -6.78
C08 25I F . 3.92 -27.74 -8.11
C09 25I F . 2.62 -27.40 -8.78
C11 25I F . 1.21 -26.41 -10.51
C12 25I F . 0.96 -24.90 -10.67
C14 25I F . 3.17 -23.48 -12.91
C16 25I F . 4.96 -28.46 -8.73
C18 25I F . 6.27 -28.38 -6.71
C19 25I F . 4.44 -30.02 -3.53
F01 25I F . 2.65 -21.48 -14.11
F02 25I F . 3.19 -23.15 -15.18
F03 25I F . 4.76 -22.08 -14.09
F04 25I F . 4.84 -28.77 -10.05
N01 25I F . 2.55 -26.67 -9.93
N02 25I F . 2.05 -24.46 -11.51
N03 25I F . 4.04 -24.43 -12.50
N04 25I F . 1.94 -23.50 -12.38
N05 25I F . 3.35 -26.45 -3.51
N06 25I F . 2.25 -26.62 -2.72
O01 25I F . 0.68 -27.78 -1.57
O02 25I F . 1.58 -27.83 -8.23
#